data_8ZSW
#
_entry.id   8ZSW
#
_cell.length_a   97.590
_cell.length_b   118.310
_cell.length_c   120.970
_cell.angle_alpha   90.00
_cell.angle_beta   90.00
_cell.angle_gamma   90.00
#
_symmetry.space_group_name_H-M   'P 21 21 21'
#
loop_
_entity.id
_entity.type
_entity.pdbx_description
1 polymer 'DNA damage-binding protein 1'
2 non-polymer 'ACETATE ION'
3 water water
#
_entity_poly.entity_id   1
_entity_poly.type   'polypeptide(L)'
_entity_poly.pdbx_seq_one_letter_code
;MGSSHHHHHHSSGLVPRGSMSYNYVVTAQKPTAVNGCVTGHFTSAEDLNLLIAKNTRLEIYVVTAEGLRPVKEVGMYGKI
AVMELFRPKGESKDLLFILTAKYNACILEYKQSGESIDIITRAHGNVQDRIGRPSETGIIGIIDPECRMIGLRLYDGLFK
VIPLDRDNKELKAFNIRLEELHVIDVKFLYGCQAPTICFVYQDPQGRHVKTYEVSLREKEFNKGPWKQENVEAEASMVIA
VPEPFGGAIIIGQESITYHNGDKYLAIAPPIIKQSTIVCHNRVDPNGSRYLLGDMEGRLFMLLLEKEEQMDGTVTLKDLR
VELLGETSIAECLTYLDNGVVFVGSRLGDSQLVKLNVDSNEQGSYVVAMETFTNLGPIVDMCVVDLERQGQGQLVTCSGA
FKEGSLRIIRNGIGIHEHASIDLPGIKGLWPLRSDPNRETDDTLVLSFVGQTRVLMLNGEEVEETELMGFVDDQQTFFCG
NVAHQQLIQITSASVRLVSQEPKALVSEWKEPQAKNISVASCNSSQVVVAVGRALYYLQIHPQELRQISHTEMEHEVACL
DITPLGDSNGLSPLCAIGLWTDISARILKLPSFELLHKEMLGGEIIPRSILMTTFESSHYLLCALGDGALFYFGLNIETG
LLSDRKKVTLGTQPTVLRTFRSLSTTNVFACSDRPTVIYSSNHKLVFSNVNLKEVNYMCPLNSDGYPDSLALANNSTLTI
GTIDEIQKLHIRTVPLYESPRKICYQEVSQCFGVLSSRIEVQDTSGGTTALRPSASTQALSSSVSSSKLFSSSTAPHETS
FGEEVEVHNLLIIDQHTFEVLHAHQFLQNEYALSLVSCKLGKDPNTYFIVGTAMVYPEEAEPKQGRIVVFQYSDGKLQTV
AEKEVKGAVYSMVEFNGKLLASINSTVRLYEWTTEKELRTECNHYNNIMALYLKTKGDFILVGDLMRSVLLLAYKPMEGN
FEEIARDFNPNWMSAVEILDDDNFLGAENAFNLFVCQKDSAATTDEERQHLQEVGLFHLGEFVNVFCHGSLVMQNLGETS
TPTQGSVLFGTVNGMIGLVTSLSESWYNLLLDMQNRLNKVIKSVGKIEHSFWRSFHTERKTEPATGFIDGDLIESFLDIS
RPKMQEVVANLQYDDGSGMKREATADDLIKVVEELTRIH
;
_entity_poly.pdbx_strand_id   A
#
loop_
_chem_comp.id
_chem_comp.type
_chem_comp.name
_chem_comp.formula
ACT non-polymer 'ACETATE ION' 'C2 H3 O2 -1'
#
# COMPACT_ATOMS: atom_id res chain seq x y z
N SER A 19 28.54 -2.88 20.94
CA SER A 19 27.95 -3.37 19.69
C SER A 19 27.28 -2.24 18.92
N MET A 20 27.11 -2.44 17.61
CA MET A 20 26.50 -1.46 16.75
C MET A 20 25.07 -1.84 16.44
N SER A 21 24.41 -0.99 15.65
CA SER A 21 23.04 -1.25 15.19
C SER A 21 23.05 -1.44 13.68
N TYR A 22 22.51 -2.57 13.24
CA TYR A 22 22.40 -2.89 11.82
C TYR A 22 20.93 -3.08 11.49
N ASN A 23 20.42 -2.28 10.56
CA ASN A 23 19.00 -2.25 10.27
C ASN A 23 18.76 -2.45 8.79
N TYR A 24 17.61 -3.04 8.48
CA TYR A 24 17.20 -3.37 7.12
C TYR A 24 15.83 -2.74 6.88
N VAL A 25 15.76 -1.82 5.94
CA VAL A 25 14.53 -1.08 5.63
C VAL A 25 14.10 -1.43 4.22
N VAL A 26 12.83 -1.81 4.05
CA VAL A 26 12.31 -2.23 2.76
C VAL A 26 10.89 -1.71 2.60
N THR A 27 10.50 -1.49 1.34
CA THR A 27 9.17 -0.99 1.01
C THR A 27 8.17 -2.13 1.02
N ALA A 28 7.11 -1.99 1.79
CA ALA A 28 6.02 -2.95 1.78
C ALA A 28 4.92 -2.52 0.81
N GLN A 29 4.66 -1.22 0.72
CA GLN A 29 3.69 -0.66 -0.22
C GLN A 29 4.27 0.61 -0.80
N LYS A 30 4.38 0.66 -2.12
CA LYS A 30 4.92 1.83 -2.80
C LYS A 30 4.04 3.05 -2.56
N PRO A 31 4.59 4.25 -2.69
CA PRO A 31 3.78 5.47 -2.50
C PRO A 31 2.65 5.52 -3.51
N THR A 32 1.47 5.92 -3.03
CA THR A 32 0.28 5.99 -3.86
C THR A 32 -0.20 7.42 -4.12
N ALA A 33 0.30 8.40 -3.37
CA ALA A 33 -0.11 9.78 -3.58
C ALA A 33 0.51 10.33 -4.86
N VAL A 34 -0.25 11.15 -5.57
CA VAL A 34 0.21 11.77 -6.82
C VAL A 34 0.75 13.15 -6.50
N ASN A 35 2.04 13.37 -6.80
CA ASN A 35 2.66 14.66 -6.60
C ASN A 35 2.80 15.47 -7.89
N GLY A 36 2.49 14.88 -9.04
CA GLY A 36 2.59 15.58 -10.30
C GLY A 36 2.04 14.75 -11.43
N CYS A 37 1.66 15.44 -12.51
CA CYS A 37 1.08 14.78 -13.67
C CYS A 37 1.26 15.67 -14.88
N VAL A 38 1.76 15.10 -15.98
CA VAL A 38 1.90 15.80 -17.25
C VAL A 38 1.42 14.90 -18.37
N THR A 39 1.16 15.51 -19.52
CA THR A 39 0.65 14.82 -20.68
C THR A 39 1.44 15.25 -21.92
N GLY A 40 1.43 14.38 -22.93
CA GLY A 40 2.16 14.65 -24.15
C GLY A 40 2.45 13.36 -24.90
N HIS A 41 3.37 13.46 -25.85
CA HIS A 41 3.74 12.34 -26.72
C HIS A 41 5.17 11.91 -26.39
N PHE A 42 5.29 11.13 -25.30
CA PHE A 42 6.58 10.68 -24.79
C PHE A 42 6.99 9.33 -25.38
N THR A 43 6.04 8.38 -25.48
CA THR A 43 6.39 7.04 -25.93
C THR A 43 6.50 6.95 -27.46
N SER A 44 5.78 7.81 -28.18
CA SER A 44 5.83 7.87 -29.64
C SER A 44 5.09 9.12 -30.07
N ALA A 45 5.30 9.50 -31.34
CA ALA A 45 4.65 10.70 -31.86
C ALA A 45 3.14 10.52 -31.97
N GLU A 46 2.66 9.28 -32.12
CA GLU A 46 1.25 9.01 -32.31
C GLU A 46 0.50 8.73 -31.02
N ASP A 47 1.20 8.37 -29.95
CA ASP A 47 0.55 8.05 -28.68
C ASP A 47 0.44 9.29 -27.81
N LEU A 48 -0.72 9.46 -27.19
CA LEU A 48 -0.90 10.47 -26.16
C LEU A 48 -0.65 9.81 -24.80
N ASN A 49 0.32 10.34 -24.05
CA ASN A 49 0.73 9.75 -22.80
C ASN A 49 0.26 10.58 -21.61
N LEU A 50 0.07 9.91 -20.49
CA LEU A 50 -0.07 10.54 -19.18
C LEU A 50 1.09 10.07 -18.31
N LEU A 51 1.83 11.00 -17.74
CA LEU A 51 2.96 10.69 -16.87
C LEU A 51 2.62 11.14 -15.46
N ILE A 52 2.77 10.23 -14.50
CA ILE A 52 2.40 10.50 -13.11
C ILE A 52 3.62 10.34 -12.23
N ALA A 53 3.92 11.37 -11.44
CA ALA A 53 4.99 11.33 -10.46
C ALA A 53 4.40 10.97 -9.10
N LYS A 54 4.87 9.87 -8.52
CA LYS A 54 4.48 9.43 -7.18
C LYS A 54 5.77 9.42 -6.35
N ASN A 55 6.21 10.61 -5.96
CA ASN A 55 7.44 10.81 -5.20
C ASN A 55 8.66 10.27 -5.94
N THR A 56 9.02 9.02 -5.68
CA THR A 56 10.18 8.39 -6.30
C THR A 56 9.84 7.58 -7.54
N ARG A 57 8.56 7.31 -7.79
CA ARG A 57 8.14 6.49 -8.92
C ARG A 57 7.60 7.36 -10.05
N LEU A 58 7.88 6.94 -11.28
CA LEU A 58 7.34 7.58 -12.47
C LEU A 58 6.54 6.54 -13.24
N GLU A 59 5.26 6.82 -13.46
CA GLU A 59 4.35 5.90 -14.15
C GLU A 59 3.96 6.49 -15.50
N ILE A 60 4.10 5.69 -16.56
CA ILE A 60 3.85 6.12 -17.92
C ILE A 60 2.66 5.35 -18.47
N TYR A 61 1.61 6.06 -18.88
CA TYR A 61 0.42 5.45 -19.43
C TYR A 61 0.17 5.95 -20.85
N VAL A 62 -0.54 5.13 -21.62
CA VAL A 62 -1.02 5.51 -22.94
C VAL A 62 -2.51 5.81 -22.81
N VAL A 63 -2.92 7.00 -23.24
CA VAL A 63 -4.32 7.42 -23.13
C VAL A 63 -5.10 6.86 -24.30
N THR A 64 -6.06 5.99 -24.01
CA THR A 64 -6.98 5.41 -24.99
C THR A 64 -8.41 5.73 -24.60
N ALA A 65 -9.36 5.28 -25.42
CA ALA A 65 -10.77 5.43 -25.08
C ALA A 65 -11.17 4.52 -23.93
N GLU A 66 -10.47 3.40 -23.75
CA GLU A 66 -10.74 2.49 -22.65
C GLU A 66 -10.25 3.03 -21.31
N GLY A 67 -9.45 4.08 -21.32
CA GLY A 67 -8.91 4.64 -20.09
C GLY A 67 -7.42 4.89 -20.15
N LEU A 68 -6.67 4.25 -19.26
CA LEU A 68 -5.22 4.41 -19.20
C LEU A 68 -4.57 3.03 -19.27
N ARG A 69 -3.70 2.84 -20.26
CA ARG A 69 -2.99 1.58 -20.40
C ARG A 69 -1.57 1.73 -19.89
N PRO A 70 -1.16 1.00 -18.85
CA PRO A 70 0.22 1.12 -18.36
C PRO A 70 1.21 0.49 -19.33
N VAL A 71 2.35 1.16 -19.53
CA VAL A 71 3.35 0.65 -20.45
C VAL A 71 4.70 0.54 -19.76
N LYS A 72 4.96 1.42 -18.80
CA LYS A 72 6.27 1.42 -18.15
C LYS A 72 6.18 2.14 -16.82
N GLU A 73 6.85 1.59 -15.82
CA GLU A 73 7.00 2.22 -14.52
C GLU A 73 8.47 2.09 -14.10
N VAL A 74 9.06 3.20 -13.68
CA VAL A 74 10.45 3.22 -13.25
C VAL A 74 10.55 3.88 -11.89
N GLY A 75 11.63 3.55 -11.18
CA GLY A 75 11.95 4.18 -9.91
C GLY A 75 13.16 5.07 -10.09
N MET A 76 13.15 6.21 -9.41
CA MET A 76 14.27 7.14 -9.45
C MET A 76 14.92 7.20 -8.07
N TYR A 77 16.25 7.40 -8.07
CA TYR A 77 17.00 7.58 -6.83
C TYR A 77 16.90 9.04 -6.38
N GLY A 78 15.65 9.48 -6.19
CA GLY A 78 15.39 10.85 -5.79
C GLY A 78 13.91 11.17 -5.73
N LYS A 79 13.55 12.17 -4.93
CA LYS A 79 12.18 12.66 -4.89
C LYS A 79 11.94 13.57 -6.09
N ILE A 80 10.97 13.23 -6.93
CA ILE A 80 10.71 14.02 -8.13
C ILE A 80 10.10 15.36 -7.71
N ALA A 81 10.83 16.45 -7.94
CA ALA A 81 10.34 17.78 -7.63
C ALA A 81 9.87 18.55 -8.86
N VAL A 82 10.48 18.31 -10.02
CA VAL A 82 10.10 18.95 -11.27
C VAL A 82 9.94 17.86 -12.34
N MET A 83 8.86 17.96 -13.12
CA MET A 83 8.57 17.01 -14.19
C MET A 83 7.91 17.76 -15.33
N GLU A 84 8.60 17.90 -16.45
CA GLU A 84 8.09 18.67 -17.58
C GLU A 84 8.43 17.96 -18.88
N LEU A 85 7.43 17.81 -19.75
CA LEU A 85 7.66 17.35 -21.11
C LEU A 85 7.94 18.53 -22.01
N PHE A 86 8.86 18.36 -22.95
CA PHE A 86 9.22 19.40 -23.90
C PHE A 86 9.76 18.73 -25.15
N ARG A 87 9.64 19.43 -26.27
N ARG A 87 9.66 19.44 -26.27
CA ARG A 87 10.10 18.92 -27.56
CA ARG A 87 10.10 18.92 -27.56
C ARG A 87 11.07 19.90 -28.21
C ARG A 87 11.06 19.90 -28.20
N PRO A 88 12.37 19.70 -28.05
CA PRO A 88 13.34 20.54 -28.75
C PRO A 88 13.41 20.11 -30.21
N LYS A 89 14.15 20.89 -31.00
CA LYS A 89 14.22 20.63 -32.43
C LYS A 89 15.03 19.37 -32.72
N GLY A 90 14.63 18.64 -33.76
CA GLY A 90 15.31 17.43 -34.15
C GLY A 90 14.87 16.17 -33.45
N GLU A 91 13.69 16.17 -32.81
CA GLU A 91 13.19 15.01 -32.09
C GLU A 91 11.91 14.51 -32.75
N SER A 92 11.70 13.20 -32.67
CA SER A 92 10.48 12.58 -33.17
C SER A 92 9.38 12.53 -32.11
N LYS A 93 9.72 12.73 -30.84
CA LYS A 93 8.74 12.75 -29.77
C LYS A 93 9.23 13.69 -28.67
N ASP A 94 8.41 13.85 -27.64
CA ASP A 94 8.76 14.73 -26.53
C ASP A 94 9.82 14.09 -25.65
N LEU A 95 10.66 14.94 -25.05
CA LEU A 95 11.62 14.53 -24.04
C LEU A 95 11.16 15.00 -22.67
N LEU A 96 11.68 14.36 -21.62
CA LEU A 96 11.23 14.58 -20.27
C LEU A 96 12.36 15.18 -19.44
N PHE A 97 12.09 16.31 -18.79
CA PHE A 97 13.03 16.91 -17.85
C PHE A 97 12.56 16.62 -16.43
N ILE A 98 13.47 16.15 -15.59
CA ILE A 98 13.16 15.85 -14.20
C ILE A 98 14.24 16.48 -13.32
N LEU A 99 13.80 17.13 -12.24
CA LEU A 99 14.70 17.59 -11.19
C LEU A 99 14.25 16.95 -9.90
N THR A 100 15.20 16.37 -9.15
CA THR A 100 14.88 15.78 -7.87
C THR A 100 15.02 16.82 -6.76
N ALA A 101 14.49 16.47 -5.58
CA ALA A 101 14.58 17.35 -4.43
C ALA A 101 16.04 17.55 -3.98
N LYS A 102 16.92 16.61 -4.31
CA LYS A 102 18.35 16.77 -4.05
C LYS A 102 19.07 17.42 -5.22
N TYR A 103 18.33 18.04 -6.14
CA TYR A 103 18.87 18.85 -7.24
C TYR A 103 19.56 18.02 -8.30
N ASN A 104 19.15 16.76 -8.48
CA ASN A 104 19.59 15.96 -9.62
C ASN A 104 18.72 16.29 -10.83
N ALA A 105 19.34 16.78 -11.89
CA ALA A 105 18.63 17.15 -13.11
C ALA A 105 18.97 16.14 -14.21
N CYS A 106 17.98 15.84 -15.05
CA CYS A 106 18.21 14.93 -16.16
C CYS A 106 17.17 15.16 -17.24
N ILE A 107 17.56 14.88 -18.47
CA ILE A 107 16.66 14.84 -19.62
C ILE A 107 16.57 13.38 -20.04
N LEU A 108 15.34 12.85 -20.08
CA LEU A 108 15.11 11.45 -20.37
C LEU A 108 14.35 11.27 -21.68
N GLU A 109 14.55 10.12 -22.31
CA GLU A 109 13.86 9.76 -23.53
C GLU A 109 13.33 8.34 -23.41
N TYR A 110 12.09 8.14 -23.86
CA TYR A 110 11.49 6.82 -23.94
C TYR A 110 11.99 6.11 -25.19
N LYS A 111 12.60 4.94 -25.02
CA LYS A 111 13.18 4.20 -26.14
C LYS A 111 12.61 2.78 -26.14
N GLN A 112 11.97 2.41 -27.25
CA GLN A 112 11.38 1.09 -27.41
C GLN A 112 12.09 0.37 -28.55
N SER A 113 12.65 -0.80 -28.25
CA SER A 113 13.29 -1.65 -29.25
C SER A 113 12.50 -2.95 -29.31
N GLY A 114 11.50 -2.99 -30.18
CA GLY A 114 10.61 -4.13 -30.26
C GLY A 114 9.73 -4.25 -29.05
N GLU A 115 10.08 -5.15 -28.13
CA GLU A 115 9.36 -5.32 -26.88
C GLU A 115 10.11 -4.78 -25.67
N SER A 116 11.39 -4.46 -25.81
CA SER A 116 12.18 -3.93 -24.71
C SER A 116 11.99 -2.43 -24.59
N ILE A 117 11.74 -1.95 -23.38
CA ILE A 117 11.50 -0.53 -23.11
C ILE A 117 12.64 -0.01 -22.24
N ASP A 118 13.33 1.02 -22.73
CA ASP A 118 14.45 1.62 -22.03
C ASP A 118 14.21 3.12 -21.89
N ILE A 119 14.45 3.64 -20.70
CA ILE A 119 14.42 5.08 -20.45
C ILE A 119 15.88 5.52 -20.38
N ILE A 120 16.38 6.10 -21.46
CA ILE A 120 17.79 6.47 -21.55
C ILE A 120 17.96 7.90 -21.07
N THR A 121 19.14 8.19 -20.53
CA THR A 121 19.49 9.52 -20.04
C THR A 121 20.13 10.31 -21.18
N ARG A 122 19.47 11.37 -21.62
CA ARG A 122 20.02 12.20 -22.69
C ARG A 122 21.03 13.21 -22.17
N ALA A 123 20.89 13.60 -20.90
CA ALA A 123 21.77 14.56 -20.24
C ALA A 123 21.46 14.50 -18.75
N HIS A 124 22.46 14.79 -17.92
CA HIS A 124 22.25 14.76 -16.49
C HIS A 124 23.32 15.59 -15.80
N GLY A 125 23.00 16.02 -14.58
CA GLY A 125 23.92 16.78 -13.77
C GLY A 125 23.26 17.30 -12.51
N ASN A 126 24.05 17.72 -11.53
CA ASN A 126 23.54 18.27 -10.30
C ASN A 126 23.69 19.77 -10.31
N VAL A 127 22.61 20.49 -10.01
CA VAL A 127 22.57 21.93 -10.12
C VAL A 127 22.48 22.60 -8.75
N GLN A 128 22.87 21.90 -7.69
CA GLN A 128 22.86 22.49 -6.36
C GLN A 128 23.98 23.52 -6.23
N ASP A 129 23.66 24.64 -5.58
CA ASP A 129 24.66 25.65 -5.27
C ASP A 129 25.34 25.33 -3.94
N ARG A 130 26.55 25.86 -3.76
CA ARG A 130 27.28 25.62 -2.53
C ARG A 130 26.55 26.22 -1.33
N ILE A 131 26.11 27.47 -1.45
CA ILE A 131 25.33 28.14 -0.42
C ILE A 131 24.04 28.63 -1.05
N GLY A 132 23.04 28.82 -0.21
CA GLY A 132 21.76 29.33 -0.65
C GLY A 132 20.65 28.91 0.29
N ARG A 133 19.60 29.73 0.35
CA ARG A 133 18.46 29.50 1.23
C ARG A 133 17.27 29.05 0.39
N PRO A 134 16.77 27.83 0.58
CA PRO A 134 15.59 27.38 -0.18
C PRO A 134 14.41 28.34 -0.01
N SER A 135 13.63 28.48 -1.06
CA SER A 135 12.53 29.43 -1.08
C SER A 135 11.27 28.84 -0.43
N GLU A 136 10.38 29.73 -0.03
CA GLU A 136 9.16 29.31 0.67
C GLU A 136 8.24 28.53 -0.25
N THR A 137 8.03 29.04 -1.48
CA THR A 137 7.15 28.33 -2.40
C THR A 137 7.80 27.09 -3.01
N GLY A 138 9.05 26.79 -2.64
CA GLY A 138 9.70 25.56 -3.07
C GLY A 138 10.41 25.68 -4.41
N ILE A 139 10.96 24.54 -4.84
CA ILE A 139 11.66 24.47 -6.12
C ILE A 139 10.65 24.66 -7.25
N ILE A 140 10.94 25.59 -8.15
CA ILE A 140 10.13 25.83 -9.34
C ILE A 140 10.99 25.57 -10.56
N GLY A 141 10.46 24.78 -11.50
CA GLY A 141 11.18 24.48 -12.73
C GLY A 141 10.33 24.70 -13.96
N ILE A 142 10.77 25.59 -14.84
CA ILE A 142 10.01 25.99 -16.02
C ILE A 142 10.89 25.86 -17.26
N ILE A 143 10.25 25.62 -18.39
CA ILE A 143 10.95 25.44 -19.67
C ILE A 143 10.40 26.45 -20.66
N ASP A 144 11.29 27.15 -21.34
CA ASP A 144 10.89 28.15 -22.31
C ASP A 144 10.12 27.49 -23.45
N PRO A 145 9.04 28.11 -23.95
CA PRO A 145 8.23 27.47 -25.00
C PRO A 145 9.01 27.15 -26.27
N GLU A 146 10.07 27.89 -26.58
CA GLU A 146 10.93 27.59 -27.71
C GLU A 146 12.06 26.63 -27.35
N CYS A 147 12.04 26.05 -26.15
CA CYS A 147 13.06 25.12 -25.66
C CYS A 147 14.47 25.72 -25.71
N ARG A 148 14.58 27.02 -25.50
CA ARG A 148 15.89 27.66 -25.50
C ARG A 148 16.64 27.44 -24.19
N MET A 149 15.94 27.15 -23.10
CA MET A 149 16.55 27.14 -21.78
C MET A 149 15.59 26.53 -20.78
N ILE A 150 16.15 26.06 -19.67
CA ILE A 150 15.38 25.61 -18.51
C ILE A 150 15.66 26.59 -17.38
N GLY A 151 14.60 27.07 -16.74
CA GLY A 151 14.70 28.00 -15.62
C GLY A 151 14.38 27.32 -14.32
N LEU A 152 15.19 27.58 -13.30
CA LEU A 152 15.05 26.95 -11.99
C LEU A 152 15.08 28.03 -10.91
N ARG A 153 14.04 28.05 -10.08
CA ARG A 153 14.03 28.87 -8.87
C ARG A 153 14.30 27.91 -7.70
N LEU A 154 15.53 27.91 -7.22
CA LEU A 154 15.95 27.06 -6.12
C LEU A 154 16.15 27.81 -4.82
N TYR A 155 16.77 29.00 -4.88
CA TYR A 155 17.05 29.79 -3.70
C TYR A 155 16.59 31.23 -3.93
N ASP A 156 16.39 31.94 -2.82
CA ASP A 156 15.94 33.32 -2.90
C ASP A 156 17.04 34.22 -3.47
N GLY A 157 16.66 35.10 -4.38
CA GLY A 157 17.59 36.04 -4.97
C GLY A 157 18.42 35.50 -6.13
N LEU A 158 18.17 34.27 -6.58
CA LEU A 158 18.94 33.67 -7.66
C LEU A 158 18.02 32.94 -8.61
N PHE A 159 18.18 33.19 -9.91
CA PHE A 159 17.47 32.47 -10.96
C PHE A 159 18.49 31.67 -11.75
N LYS A 160 18.38 30.33 -11.67
CA LYS A 160 19.32 29.44 -12.32
C LYS A 160 18.84 29.10 -13.73
N VAL A 161 19.72 29.23 -14.71
CA VAL A 161 19.40 29.00 -16.11
C VAL A 161 20.28 27.87 -16.64
N ILE A 162 19.64 26.86 -17.21
CA ILE A 162 20.33 25.76 -17.88
C ILE A 162 20.14 25.95 -19.38
N PRO A 163 21.17 26.34 -20.13
CA PRO A 163 21.02 26.49 -21.58
C PRO A 163 20.73 25.14 -22.23
N LEU A 164 19.70 25.10 -23.08
CA LEU A 164 19.34 23.89 -23.80
C LEU A 164 20.10 23.83 -25.12
N ASP A 165 21.41 23.63 -25.01
CA ASP A 165 22.29 23.50 -26.15
C ASP A 165 22.72 22.05 -26.31
N ARG A 166 22.95 21.64 -27.56
CA ARG A 166 23.29 20.25 -27.85
C ARG A 166 24.54 19.80 -27.11
N ASP A 167 25.47 20.72 -26.84
CA ASP A 167 26.73 20.38 -26.20
C ASP A 167 26.67 20.39 -24.68
N ASN A 168 25.54 20.77 -24.08
CA ASN A 168 25.43 20.87 -22.62
C ASN A 168 25.06 19.52 -22.00
N LYS A 169 25.96 18.54 -22.21
CA LYS A 169 25.71 17.18 -21.75
C LYS A 169 25.61 17.08 -20.24
N GLU A 170 26.34 17.92 -19.52
CA GLU A 170 26.34 17.90 -18.06
C GLU A 170 25.28 18.82 -17.46
N LEU A 171 24.44 19.43 -18.30
CA LEU A 171 23.43 20.39 -17.83
C LEU A 171 24.07 21.47 -16.98
N LYS A 172 25.18 22.02 -17.48
CA LYS A 172 25.83 23.13 -16.82
C LYS A 172 24.89 24.33 -16.79
N ALA A 173 24.92 25.07 -15.68
CA ALA A 173 24.00 26.17 -15.45
C ALA A 173 24.76 27.38 -14.95
N PHE A 174 24.11 28.54 -15.05
CA PHE A 174 24.62 29.78 -14.48
C PHE A 174 23.50 30.49 -13.74
N ASN A 175 23.88 31.31 -12.76
CA ASN A 175 22.93 32.01 -11.92
C ASN A 175 22.83 33.48 -12.35
N ILE A 176 21.61 33.99 -12.34
CA ILE A 176 21.34 35.42 -12.55
C ILE A 176 20.82 35.99 -11.25
N ARG A 177 21.34 37.14 -10.85
CA ARG A 177 20.92 37.78 -9.61
C ARG A 177 19.51 38.32 -9.77
N LEU A 178 18.61 37.92 -8.87
CA LEU A 178 17.23 38.36 -8.87
C LEU A 178 17.03 39.29 -7.68
N GLU A 179 16.66 40.55 -7.97
CA GLU A 179 16.50 41.53 -6.90
C GLU A 179 15.34 41.15 -5.99
N GLU A 180 14.24 40.67 -6.58
CA GLU A 180 13.06 40.27 -5.80
C GLU A 180 13.37 38.98 -5.05
N LEU A 181 13.45 39.07 -3.72
CA LEU A 181 13.91 37.95 -2.90
C LEU A 181 12.83 36.94 -2.57
N HIS A 182 11.56 37.31 -2.74
CA HIS A 182 10.43 36.45 -2.35
C HIS A 182 9.53 36.26 -3.56
N VAL A 183 9.86 35.26 -4.38
CA VAL A 183 9.09 34.93 -5.57
C VAL A 183 8.01 33.92 -5.19
N ILE A 184 6.78 34.16 -5.65
CA ILE A 184 5.67 33.26 -5.38
C ILE A 184 5.55 32.20 -6.47
N ASP A 185 5.48 32.62 -7.73
CA ASP A 185 5.42 31.70 -8.85
C ASP A 185 5.99 32.41 -10.07
N VAL A 186 6.53 31.62 -11.00
CA VAL A 186 7.20 32.15 -12.19
C VAL A 186 6.88 31.24 -13.37
N LYS A 187 6.75 31.85 -14.55
CA LYS A 187 6.49 31.12 -15.79
C LYS A 187 7.23 31.80 -16.93
N PHE A 188 7.51 31.02 -17.99
CA PHE A 188 8.02 31.56 -19.24
C PHE A 188 6.84 31.98 -20.11
N LEU A 189 6.93 33.15 -20.73
CA LEU A 189 5.84 33.68 -21.53
C LEU A 189 5.92 33.17 -22.96
N TYR A 190 4.76 33.06 -23.59
CA TYR A 190 4.64 32.68 -24.99
C TYR A 190 4.73 33.90 -25.90
N GLY A 191 5.09 33.65 -27.15
CA GLY A 191 5.10 34.69 -28.17
C GLY A 191 6.06 35.83 -27.89
N CYS A 192 7.32 35.51 -27.61
CA CYS A 192 8.34 36.51 -27.34
C CYS A 192 9.57 36.23 -28.19
N GLN A 193 10.15 37.29 -28.75
CA GLN A 193 11.38 37.13 -29.54
C GLN A 193 12.56 36.73 -28.66
N ALA A 194 12.54 37.12 -27.38
CA ALA A 194 13.56 36.76 -26.42
C ALA A 194 12.94 35.99 -25.26
N PRO A 195 13.69 35.08 -24.63
CA PRO A 195 13.16 34.37 -23.46
C PRO A 195 12.75 35.34 -22.37
N THR A 196 11.47 35.27 -21.97
CA THR A 196 10.88 36.22 -21.03
C THR A 196 10.20 35.46 -19.91
N ILE A 197 10.55 35.79 -18.67
CA ILE A 197 9.90 35.22 -17.49
C ILE A 197 8.90 36.24 -16.95
N CYS A 198 7.87 35.71 -16.30
CA CYS A 198 6.84 36.53 -15.65
C CYS A 198 6.57 35.91 -14.29
N PHE A 199 6.68 36.70 -13.23
CA PHE A 199 6.61 36.15 -11.89
C PHE A 199 5.91 37.12 -10.94
N VAL A 200 5.28 36.55 -9.91
CA VAL A 200 4.70 37.31 -8.82
C VAL A 200 5.68 37.29 -7.66
N TYR A 201 5.93 38.45 -7.07
CA TYR A 201 6.86 38.59 -5.96
C TYR A 201 6.19 39.35 -4.83
N GLN A 202 6.80 39.27 -3.65
CA GLN A 202 6.26 39.87 -2.43
C GLN A 202 7.31 40.75 -1.78
N ASP A 203 6.93 41.99 -1.48
CA ASP A 203 7.76 42.94 -0.75
C ASP A 203 6.91 43.58 0.32
N PRO A 204 7.52 44.37 1.23
CA PRO A 204 6.73 45.06 2.26
C PRO A 204 5.56 45.88 1.71
N GLN A 205 5.62 46.25 0.44
CA GLN A 205 4.56 47.03 -0.19
C GLN A 205 3.43 46.18 -0.76
N GLY A 206 3.51 44.85 -0.62
CA GLY A 206 2.45 43.97 -1.06
C GLY A 206 2.95 42.92 -2.03
N ARG A 207 2.09 42.52 -2.95
CA ARG A 207 2.41 41.55 -3.98
C ARG A 207 2.27 42.19 -5.35
N HIS A 208 3.25 41.92 -6.23
CA HIS A 208 3.29 42.49 -7.56
C HIS A 208 3.76 41.45 -8.56
N VAL A 209 3.52 41.74 -9.83
CA VAL A 209 3.97 40.89 -10.93
C VAL A 209 4.96 41.68 -11.77
N LYS A 210 6.01 41.01 -12.24
CA LYS A 210 7.08 41.65 -12.99
C LYS A 210 7.54 40.71 -14.10
N THR A 211 8.21 41.29 -15.09
CA THR A 211 8.77 40.52 -16.21
C THR A 211 10.24 40.83 -16.38
N TYR A 212 10.97 39.86 -16.92
CA TYR A 212 12.38 40.00 -17.23
C TYR A 212 12.68 39.25 -18.52
N GLU A 213 13.57 39.82 -19.33
CA GLU A 213 14.06 39.15 -20.53
C GLU A 213 15.39 38.50 -20.20
N VAL A 214 15.49 37.20 -20.47
CA VAL A 214 16.69 36.43 -20.16
C VAL A 214 17.58 36.38 -21.40
N SER A 215 18.87 36.66 -21.21
CA SER A 215 19.83 36.72 -22.30
C SER A 215 20.93 35.70 -22.04
N LEU A 216 20.98 34.64 -22.85
CA LEU A 216 22.03 33.65 -22.73
C LEU A 216 23.39 34.24 -23.12
N ARG A 217 23.40 35.19 -24.05
CA ARG A 217 24.66 35.76 -24.52
C ARG A 217 25.37 36.53 -23.43
N GLU A 218 24.62 37.31 -22.64
CA GLU A 218 25.19 38.14 -21.59
C GLU A 218 25.05 37.56 -20.20
N LYS A 219 24.25 36.49 -20.04
CA LYS A 219 24.03 35.85 -18.74
C LYS A 219 23.50 36.85 -17.72
N GLU A 220 22.43 37.55 -18.09
CA GLU A 220 21.85 38.58 -17.23
C GLU A 220 20.39 38.76 -17.63
N PHE A 221 19.70 39.63 -16.90
CA PHE A 221 18.33 40.00 -17.17
C PHE A 221 18.26 41.28 -17.99
N ASN A 222 17.25 41.38 -18.84
CA ASN A 222 16.95 42.59 -19.58
C ASN A 222 15.55 43.07 -19.22
N LYS A 223 15.27 44.33 -19.54
CA LYS A 223 13.98 44.90 -19.18
C LYS A 223 12.84 44.13 -19.83
N GLY A 224 11.86 43.74 -19.01
CA GLY A 224 10.72 42.99 -19.48
C GLY A 224 9.83 43.80 -20.39
N PRO A 225 8.86 43.14 -21.02
CA PRO A 225 7.97 43.87 -21.93
C PRO A 225 6.96 44.76 -21.23
N TRP A 226 6.61 44.46 -19.98
CA TRP A 226 5.64 45.27 -19.25
C TRP A 226 5.84 45.07 -17.76
N LYS A 227 4.98 45.71 -16.97
CA LYS A 227 5.07 45.63 -15.51
C LYS A 227 3.76 46.12 -14.90
N GLN A 228 3.19 45.34 -14.00
CA GLN A 228 2.01 45.73 -13.24
C GLN A 228 2.41 45.88 -11.78
N GLU A 229 2.21 47.09 -11.24
CA GLU A 229 2.76 47.41 -9.93
C GLU A 229 1.99 46.74 -8.79
N ASN A 230 0.71 46.47 -8.98
CA ASN A 230 -0.13 45.98 -7.88
C ASN A 230 -0.96 44.79 -8.32
N VAL A 231 -1.00 43.77 -7.46
CA VAL A 231 -1.81 42.57 -7.67
C VAL A 231 -2.36 42.13 -6.32
N GLU A 232 -3.33 41.22 -6.37
CA GLU A 232 -4.02 40.75 -5.17
C GLU A 232 -3.03 40.23 -4.13
N ALA A 233 -3.36 40.44 -2.86
CA ALA A 233 -2.46 40.08 -1.76
C ALA A 233 -2.25 38.57 -1.67
N GLU A 234 -3.17 37.75 -2.18
CA GLU A 234 -3.05 36.31 -2.16
C GLU A 234 -2.82 35.72 -3.55
N ALA A 235 -2.30 36.52 -4.48
CA ALA A 235 -1.95 36.01 -5.80
C ALA A 235 -0.85 34.96 -5.66
N SER A 236 -1.14 33.74 -6.14
CA SER A 236 -0.26 32.61 -5.88
C SER A 236 0.11 31.79 -7.10
N MET A 237 -0.54 31.99 -8.25
CA MET A 237 -0.29 31.15 -9.41
C MET A 237 -0.21 32.00 -10.67
N VAL A 238 0.75 31.68 -11.53
CA VAL A 238 0.94 32.35 -12.80
C VAL A 238 0.65 31.36 -13.92
N ILE A 239 -0.12 31.79 -14.91
CA ILE A 239 -0.46 30.97 -16.06
C ILE A 239 -0.04 31.72 -17.31
N ALA A 240 0.85 31.13 -18.10
CA ALA A 240 1.29 31.70 -19.37
C ALA A 240 0.31 31.29 -20.45
N VAL A 241 -0.39 32.26 -21.01
CA VAL A 241 -1.38 31.99 -22.07
C VAL A 241 -0.65 31.85 -23.40
N PRO A 242 -0.93 30.82 -24.19
CA PRO A 242 -0.28 30.69 -25.49
C PRO A 242 -0.79 31.73 -26.48
N GLU A 243 -0.14 31.75 -27.64
CA GLU A 243 -0.58 32.61 -28.73
C GLU A 243 -1.97 32.19 -29.21
N PRO A 244 -2.72 33.11 -29.85
CA PRO A 244 -2.36 34.48 -30.26
C PRO A 244 -2.46 35.51 -29.14
N PHE A 245 -3.14 35.19 -28.04
CA PHE A 245 -3.37 36.19 -27.01
C PHE A 245 -2.10 36.46 -26.21
N GLY A 246 -1.40 35.40 -25.81
CA GLY A 246 -0.21 35.60 -24.98
C GLY A 246 -0.57 36.17 -23.63
N GLY A 247 0.42 36.80 -23.00
CA GLY A 247 0.22 37.40 -21.70
C GLY A 247 0.26 36.36 -20.59
N ALA A 248 -0.31 36.76 -19.44
CA ALA A 248 -0.30 35.91 -18.26
C ALA A 248 -1.61 36.06 -17.51
N ILE A 249 -1.99 35.01 -16.80
CA ILE A 249 -3.16 35.02 -15.93
C ILE A 249 -2.68 34.78 -14.50
N ILE A 250 -3.08 35.67 -13.59
CA ILE A 250 -2.72 35.58 -12.18
C ILE A 250 -3.96 35.16 -11.40
N ILE A 251 -3.85 34.06 -10.67
CA ILE A 251 -4.96 33.51 -9.89
C ILE A 251 -4.68 33.78 -8.42
N GLY A 252 -5.65 34.39 -7.74
CA GLY A 252 -5.53 34.64 -6.32
C GLY A 252 -6.66 34.05 -5.52
N GLN A 253 -6.80 34.48 -4.27
CA GLN A 253 -7.87 33.97 -3.42
C GLN A 253 -9.22 34.53 -3.83
N GLU A 254 -9.26 35.78 -4.27
CA GLU A 254 -10.49 36.48 -4.59
C GLU A 254 -10.66 36.78 -6.07
N SER A 255 -9.60 37.11 -6.78
CA SER A 255 -9.71 37.61 -8.14
C SER A 255 -8.82 36.80 -9.08
N ILE A 256 -9.16 36.89 -10.37
CA ILE A 256 -8.36 36.34 -11.45
C ILE A 256 -8.13 37.47 -12.45
N THR A 257 -6.86 37.75 -12.74
CA THR A 257 -6.50 38.87 -13.58
C THR A 257 -5.71 38.40 -14.80
N TYR A 258 -5.83 39.17 -15.88
CA TYR A 258 -5.07 38.94 -17.11
C TYR A 258 -4.25 40.19 -17.42
N HIS A 259 -2.96 39.99 -17.72
CA HIS A 259 -2.06 41.09 -18.03
C HIS A 259 -1.34 40.82 -19.34
N ASN A 260 -1.21 41.85 -20.17
CA ASN A 260 -0.46 41.76 -21.41
C ASN A 260 -0.11 43.14 -21.93
N GLY A 261 0.90 43.77 -21.32
CA GLY A 261 1.28 45.13 -21.69
C GLY A 261 0.26 46.14 -21.22
N ASP A 262 -0.48 46.73 -22.15
CA ASP A 262 -1.53 47.67 -21.81
C ASP A 262 -2.89 47.01 -21.64
N LYS A 263 -3.01 45.74 -22.01
CA LYS A 263 -4.27 45.01 -21.87
C LYS A 263 -4.41 44.49 -20.45
N TYR A 264 -5.55 44.78 -19.81
CA TYR A 264 -5.80 44.37 -18.44
C TYR A 264 -7.24 43.92 -18.29
N LEU A 265 -7.43 42.73 -17.74
CA LEU A 265 -8.76 42.23 -17.39
C LEU A 265 -8.73 41.69 -15.98
N ALA A 266 -9.83 41.87 -15.24
CA ALA A 266 -9.90 41.42 -13.86
C ALA A 266 -11.33 41.07 -13.51
N ILE A 267 -11.52 39.88 -12.94
CA ILE A 267 -12.81 39.43 -12.44
C ILE A 267 -12.64 38.99 -10.99
N ALA A 268 -13.76 39.01 -10.26
CA ALA A 268 -13.79 38.60 -8.86
C ALA A 268 -15.08 37.83 -8.63
N PRO A 269 -15.10 36.56 -9.00
CA PRO A 269 -16.33 35.76 -8.84
C PRO A 269 -16.47 35.30 -7.39
N PRO A 270 -17.65 35.49 -6.79
CA PRO A 270 -17.83 35.07 -5.40
C PRO A 270 -17.75 33.56 -5.20
N ILE A 271 -17.93 32.77 -6.26
CA ILE A 271 -17.92 31.31 -6.12
C ILE A 271 -16.54 30.80 -5.73
N ILE A 272 -15.46 31.54 -6.05
CA ILE A 272 -14.11 31.07 -5.75
C ILE A 272 -13.58 31.58 -4.43
N LYS A 273 -14.35 32.39 -3.70
CA LYS A 273 -13.88 32.94 -2.44
C LYS A 273 -13.88 31.92 -1.31
N GLN A 274 -14.72 30.89 -1.39
CA GLN A 274 -14.86 29.95 -0.28
C GLN A 274 -13.62 29.08 -0.11
N SER A 275 -12.86 28.84 -1.17
CA SER A 275 -11.72 27.93 -1.12
C SER A 275 -10.59 28.47 -1.99
N THR A 276 -9.37 28.08 -1.64
CA THR A 276 -8.18 28.48 -2.39
C THR A 276 -7.99 27.56 -3.58
N ILE A 277 -7.82 28.15 -4.76
CA ILE A 277 -7.50 27.38 -5.96
C ILE A 277 -6.02 27.01 -5.92
N VAL A 278 -5.73 25.72 -6.12
CA VAL A 278 -4.40 25.21 -5.90
C VAL A 278 -3.78 24.54 -7.13
N CYS A 279 -4.55 24.27 -8.19
CA CYS A 279 -3.96 23.72 -9.40
C CYS A 279 -4.73 24.22 -10.61
N HIS A 280 -4.16 23.97 -11.79
CA HIS A 280 -4.74 24.41 -13.05
C HIS A 280 -4.17 23.58 -14.19
N ASN A 281 -4.89 23.56 -15.30
CA ASN A 281 -4.43 22.86 -16.49
C ASN A 281 -5.16 23.42 -17.72
N ARG A 282 -4.45 23.42 -18.84
CA ARG A 282 -5.02 23.92 -20.09
C ARG A 282 -5.85 22.83 -20.78
N VAL A 283 -6.97 23.24 -21.34
CA VAL A 283 -7.82 22.29 -22.06
C VAL A 283 -7.45 22.21 -23.53
N ASP A 284 -7.16 23.35 -24.15
CA ASP A 284 -6.84 23.45 -25.57
C ASP A 284 -5.49 24.13 -25.74
N PRO A 285 -4.81 23.93 -26.88
CA PRO A 285 -3.47 24.49 -27.05
C PRO A 285 -3.43 26.01 -27.16
N ASN A 286 -4.57 26.69 -27.25
CA ASN A 286 -4.60 28.14 -27.33
C ASN A 286 -5.01 28.80 -26.02
N GLY A 287 -5.26 28.02 -24.97
CA GLY A 287 -5.60 28.59 -23.68
C GLY A 287 -6.95 29.26 -23.62
N SER A 288 -7.91 28.82 -24.43
CA SER A 288 -9.25 29.40 -24.37
C SER A 288 -10.06 28.86 -23.20
N ARG A 289 -9.71 27.68 -22.68
CA ARG A 289 -10.39 27.12 -21.52
C ARG A 289 -9.36 26.51 -20.58
N TYR A 290 -9.56 26.71 -19.28
CA TYR A 290 -8.68 26.20 -18.24
C TYR A 290 -9.49 25.52 -17.15
N LEU A 291 -8.93 24.45 -16.60
CA LEU A 291 -9.52 23.75 -15.47
C LEU A 291 -8.87 24.23 -14.18
N LEU A 292 -9.68 24.47 -13.16
CA LEU A 292 -9.20 24.92 -11.86
C LEU A 292 -9.80 24.06 -10.75
N GLY A 293 -8.96 23.65 -9.82
CA GLY A 293 -9.42 22.90 -8.65
C GLY A 293 -9.03 23.60 -7.37
N ASP A 294 -9.93 23.56 -6.38
CA ASP A 294 -9.69 24.20 -5.10
C ASP A 294 -9.46 23.14 -4.02
N MET A 295 -9.26 23.61 -2.79
CA MET A 295 -8.95 22.72 -1.68
C MET A 295 -10.13 21.89 -1.23
N GLU A 296 -11.36 22.21 -1.65
CA GLU A 296 -12.53 21.42 -1.31
C GLU A 296 -12.92 20.42 -2.40
N GLY A 297 -12.12 20.29 -3.45
CA GLY A 297 -12.42 19.36 -4.51
C GLY A 297 -13.35 19.87 -5.59
N ARG A 298 -13.69 21.15 -5.58
CA ARG A 298 -14.52 21.72 -6.63
C ARG A 298 -13.70 21.94 -7.89
N LEU A 299 -14.33 21.68 -9.04
CA LEU A 299 -13.69 21.82 -10.34
C LEU A 299 -14.32 22.98 -11.09
N PHE A 300 -13.51 23.94 -11.50
CA PHE A 300 -13.97 25.12 -12.21
C PHE A 300 -13.42 25.13 -13.63
N MET A 301 -14.11 25.88 -14.49
CA MET A 301 -13.66 26.13 -15.86
C MET A 301 -13.44 27.62 -16.02
N LEU A 302 -12.23 28.00 -16.40
CA LEU A 302 -11.91 29.40 -16.68
C LEU A 302 -11.91 29.61 -18.20
N LEU A 303 -12.84 30.45 -18.66
CA LEU A 303 -13.01 30.71 -20.08
C LEU A 303 -12.46 32.08 -20.43
N LEU A 304 -11.68 32.14 -21.50
CA LEU A 304 -11.14 33.41 -22.01
C LEU A 304 -12.01 33.80 -23.20
N GLU A 305 -12.94 34.73 -22.97
CA GLU A 305 -13.92 35.10 -23.98
C GLU A 305 -13.31 35.99 -25.04
N LYS A 306 -13.49 35.61 -26.30
CA LYS A 306 -12.98 36.37 -27.43
C LYS A 306 -14.05 37.32 -27.97
N GLU A 307 -13.61 38.27 -28.79
CA GLU A 307 -14.51 39.24 -29.38
C GLU A 307 -13.97 39.69 -30.74
N GLU A 308 -14.81 39.58 -31.77
CA GLU A 308 -14.44 39.99 -33.11
C GLU A 308 -14.67 41.48 -33.28
N GLN A 309 -13.65 42.20 -33.71
CA GLN A 309 -13.73 43.64 -33.91
C GLN A 309 -14.21 43.95 -35.34
N MET A 310 -14.36 45.24 -35.63
CA MET A 310 -14.86 45.65 -36.94
C MET A 310 -13.83 45.42 -38.04
N ASP A 311 -12.53 45.51 -37.71
CA ASP A 311 -11.51 45.30 -38.72
C ASP A 311 -11.39 43.84 -39.12
N GLY A 312 -11.77 42.93 -38.23
CA GLY A 312 -11.61 41.50 -38.43
C GLY A 312 -10.71 40.81 -37.43
N THR A 313 -9.96 41.57 -36.62
CA THR A 313 -9.12 40.97 -35.59
C THR A 313 -9.97 40.50 -34.42
N VAL A 314 -9.36 39.68 -33.58
CA VAL A 314 -10.02 39.09 -32.42
C VAL A 314 -9.19 39.41 -31.18
N THR A 315 -9.80 40.08 -30.22
CA THR A 315 -9.15 40.44 -28.96
C THR A 315 -9.78 39.66 -27.82
N LEU A 316 -9.18 39.80 -26.64
CA LEU A 316 -9.69 39.15 -25.44
C LEU A 316 -10.70 40.07 -24.77
N LYS A 317 -11.95 39.59 -24.67
CA LYS A 317 -13.03 40.44 -24.17
C LYS A 317 -13.08 40.41 -22.65
N ASP A 318 -13.33 39.23 -22.07
CA ASP A 318 -13.52 39.13 -20.63
C ASP A 318 -13.15 37.72 -20.18
N LEU A 319 -12.99 37.58 -18.87
CA LEU A 319 -12.78 36.28 -18.23
C LEU A 319 -14.06 35.85 -17.52
N ARG A 320 -14.24 34.55 -17.38
CA ARG A 320 -15.42 34.02 -16.71
C ARG A 320 -15.11 32.63 -16.17
N VAL A 321 -15.53 32.37 -14.93
CA VAL A 321 -15.40 31.06 -14.34
C VAL A 321 -16.79 30.46 -14.19
N GLU A 322 -16.83 29.13 -14.14
CA GLU A 322 -18.09 28.39 -14.05
C GLU A 322 -17.84 27.11 -13.29
N LEU A 323 -18.74 26.80 -12.35
CA LEU A 323 -18.61 25.59 -11.55
C LEU A 323 -18.98 24.38 -12.38
N LEU A 324 -18.14 23.35 -12.36
CA LEU A 324 -18.38 22.13 -13.11
C LEU A 324 -18.92 21.00 -12.27
N GLY A 325 -18.58 20.95 -10.99
CA GLY A 325 -18.99 19.87 -10.13
C GLY A 325 -17.91 19.61 -9.09
N GLU A 326 -17.89 18.38 -8.57
CA GLU A 326 -17.00 18.00 -7.50
C GLU A 326 -16.16 16.81 -7.92
N THR A 327 -14.87 16.88 -7.67
CA THR A 327 -13.94 15.77 -7.86
C THR A 327 -13.24 15.47 -6.54
N SER A 328 -12.31 14.54 -6.59
CA SER A 328 -11.38 14.37 -5.48
C SER A 328 -10.56 15.64 -5.30
N ILE A 329 -10.13 15.89 -4.07
CA ILE A 329 -9.28 17.05 -3.79
C ILE A 329 -8.02 16.89 -4.62
N ALA A 330 -7.81 17.81 -5.56
CA ALA A 330 -6.81 17.64 -6.61
C ALA A 330 -5.50 18.31 -6.21
N GLU A 331 -4.41 17.57 -6.38
CA GLU A 331 -3.07 18.14 -6.36
C GLU A 331 -2.65 18.61 -7.75
N CYS A 332 -3.12 17.91 -8.79
CA CYS A 332 -2.83 18.29 -10.16
C CYS A 332 -3.97 17.80 -11.05
N LEU A 333 -4.19 18.50 -12.15
CA LEU A 333 -5.24 18.16 -13.10
C LEU A 333 -4.64 18.06 -14.49
N THR A 334 -5.19 17.13 -15.29
CA THR A 334 -4.69 16.91 -16.64
C THR A 334 -5.85 16.53 -17.54
N TYR A 335 -6.12 17.36 -18.54
CA TYR A 335 -7.15 17.07 -19.52
C TYR A 335 -6.64 16.05 -20.53
N LEU A 336 -7.48 15.07 -20.86
CA LEU A 336 -7.13 13.97 -21.77
C LEU A 336 -8.22 13.78 -22.81
N ASP A 337 -7.90 14.07 -24.07
CA ASP A 337 -8.72 13.69 -25.23
C ASP A 337 -10.11 14.30 -25.11
N ASN A 338 -11.19 13.51 -25.09
CA ASN A 338 -12.54 14.02 -25.28
C ASN A 338 -13.28 14.01 -23.93
N GLY A 339 -13.21 15.14 -23.23
CA GLY A 339 -13.92 15.31 -21.98
C GLY A 339 -13.37 14.54 -20.79
N VAL A 340 -12.38 13.69 -20.98
CA VAL A 340 -11.82 12.90 -19.88
C VAL A 340 -10.71 13.71 -19.21
N VAL A 341 -10.81 13.84 -17.88
CA VAL A 341 -9.83 14.54 -17.08
C VAL A 341 -9.28 13.58 -16.05
N PHE A 342 -7.95 13.57 -15.88
CA PHE A 342 -7.34 12.83 -14.79
C PHE A 342 -7.14 13.76 -13.60
N VAL A 343 -7.63 13.34 -12.44
CA VAL A 343 -7.54 14.12 -11.21
C VAL A 343 -6.47 13.45 -10.35
N GLY A 344 -5.30 14.07 -10.28
CA GLY A 344 -4.23 13.58 -9.43
C GLY A 344 -4.36 14.11 -8.01
N SER A 345 -4.52 13.21 -7.05
CA SER A 345 -4.80 13.57 -5.67
C SER A 345 -3.71 13.03 -4.75
N ARG A 346 -3.36 13.82 -3.73
CA ARG A 346 -2.48 13.35 -2.67
C ARG A 346 -3.19 13.19 -1.33
N LEU A 347 -4.36 13.82 -1.17
CA LEU A 347 -5.15 13.69 0.06
C LEU A 347 -6.26 12.65 -0.06
N GLY A 348 -6.47 12.10 -1.25
CA GLY A 348 -7.49 11.10 -1.43
C GLY A 348 -7.20 10.28 -2.68
N ASP A 349 -8.20 9.51 -3.09
CA ASP A 349 -8.05 8.69 -4.29
C ASP A 349 -7.97 9.57 -5.53
N SER A 350 -7.10 9.18 -6.46
CA SER A 350 -7.12 9.77 -7.79
C SER A 350 -8.28 9.20 -8.59
N GLN A 351 -8.62 9.87 -9.70
CA GLN A 351 -9.76 9.41 -10.47
C GLN A 351 -9.65 9.87 -11.92
N LEU A 352 -10.41 9.19 -12.78
CA LEU A 352 -10.72 9.67 -14.11
C LEU A 352 -12.16 10.17 -14.09
N VAL A 353 -12.36 11.44 -14.41
CA VAL A 353 -13.69 12.03 -14.44
C VAL A 353 -14.04 12.40 -15.87
N LYS A 354 -15.33 12.38 -16.17
CA LYS A 354 -15.84 12.72 -17.50
C LYS A 354 -16.56 14.06 -17.43
N LEU A 355 -16.21 14.96 -18.34
CA LEU A 355 -16.82 16.28 -18.43
C LEU A 355 -17.84 16.26 -19.55
N ASN A 356 -19.12 16.44 -19.19
CA ASN A 356 -20.20 16.47 -20.16
C ASN A 356 -20.58 17.91 -20.47
N VAL A 357 -20.94 18.18 -21.72
CA VAL A 357 -21.28 19.54 -22.12
C VAL A 357 -22.62 19.97 -21.56
N ASP A 358 -23.47 19.03 -21.15
CA ASP A 358 -24.77 19.32 -20.55
C ASP A 358 -24.77 18.81 -19.11
N SER A 359 -25.14 19.69 -18.18
CA SER A 359 -25.17 19.33 -16.77
C SER A 359 -26.26 18.30 -16.50
N ASN A 360 -26.10 17.58 -15.38
CA ASN A 360 -27.06 16.56 -14.99
C ASN A 360 -28.21 17.17 -14.18
N GLY A 363 -26.93 19.47 -11.44
CA GLY A 363 -26.25 20.62 -11.98
C GLY A 363 -24.75 20.44 -12.14
N SER A 364 -24.30 19.20 -12.12
CA SER A 364 -22.88 18.87 -12.23
C SER A 364 -22.58 18.36 -13.63
N TYR A 365 -21.50 18.88 -14.22
CA TYR A 365 -21.05 18.42 -15.53
C TYR A 365 -20.06 17.26 -15.43
N VAL A 366 -19.57 16.95 -14.23
CA VAL A 366 -18.53 15.94 -14.05
C VAL A 366 -19.17 14.62 -13.62
N VAL A 367 -18.58 13.52 -14.07
CA VAL A 367 -19.04 12.17 -13.75
C VAL A 367 -17.81 11.29 -13.56
N ALA A 368 -17.69 10.67 -12.40
CA ALA A 368 -16.54 9.81 -12.12
C ALA A 368 -16.67 8.49 -12.86
N MET A 369 -15.62 8.08 -13.56
CA MET A 369 -15.60 6.83 -14.29
C MET A 369 -14.70 5.78 -13.68
N GLU A 370 -13.63 6.18 -12.98
CA GLU A 370 -12.71 5.24 -12.38
C GLU A 370 -12.02 5.91 -11.21
N THR A 371 -11.72 5.13 -10.18
CA THR A 371 -11.01 5.60 -9.01
C THR A 371 -9.74 4.78 -8.81
N PHE A 372 -8.70 5.44 -8.32
CA PHE A 372 -7.39 4.83 -8.12
C PHE A 372 -6.98 4.97 -6.66
N THR A 373 -6.66 3.84 -6.03
CA THR A 373 -6.47 3.80 -4.59
C THR A 373 -5.27 4.63 -4.15
N ASN A 374 -5.47 5.44 -3.12
CA ASN A 374 -4.40 6.23 -2.51
C ASN A 374 -4.51 6.09 -0.99
N LEU A 375 -3.45 5.58 -0.37
CA LEU A 375 -3.43 5.47 1.08
C LEU A 375 -3.01 6.75 1.77
N GLY A 376 -2.42 7.70 1.04
CA GLY A 376 -1.86 8.88 1.64
C GLY A 376 -2.88 9.98 1.90
N PRO A 377 -2.64 10.78 2.95
CA PRO A 377 -1.60 10.60 3.97
C PRO A 377 -2.01 9.56 5.00
N ILE A 378 -1.08 8.75 5.47
CA ILE A 378 -1.32 7.85 6.59
C ILE A 378 -0.95 8.64 7.85
N VAL A 379 -1.96 9.08 8.59
CA VAL A 379 -1.70 9.88 9.78
C VAL A 379 -1.56 9.02 11.04
N ASP A 380 -2.09 7.80 11.04
CA ASP A 380 -1.96 6.87 12.15
C ASP A 380 -2.38 5.50 11.64
N MET A 381 -1.98 4.46 12.35
CA MET A 381 -2.30 3.10 11.95
C MET A 381 -2.03 2.16 13.12
N CYS A 382 -2.62 0.96 13.03
CA CYS A 382 -2.36 -0.08 14.01
C CYS A 382 -2.47 -1.43 13.32
N VAL A 383 -1.82 -2.42 13.92
CA VAL A 383 -1.82 -3.79 13.42
C VAL A 383 -2.73 -4.63 14.31
N VAL A 384 -3.63 -5.39 13.69
CA VAL A 384 -4.57 -6.24 14.40
C VAL A 384 -4.61 -7.61 13.74
N ASP A 385 -4.87 -8.63 14.55
CA ASP A 385 -5.12 -10.00 14.10
C ASP A 385 -6.54 -10.34 14.56
N LEU A 386 -7.53 -9.97 13.74
CA LEU A 386 -8.92 -10.09 14.16
C LEU A 386 -9.32 -11.54 14.39
N GLU A 387 -9.07 -12.40 13.40
CA GLU A 387 -9.45 -13.80 13.50
C GLU A 387 -8.47 -14.62 14.33
N ARG A 388 -7.41 -14.00 14.84
CA ARG A 388 -6.40 -14.69 15.66
C ARG A 388 -5.82 -15.90 14.93
N GLN A 389 -5.58 -15.76 13.64
CA GLN A 389 -5.08 -16.85 12.81
C GLN A 389 -3.58 -16.77 12.57
N GLY A 390 -2.90 -15.77 13.12
CA GLY A 390 -1.44 -15.70 13.05
C GLY A 390 -0.90 -14.66 12.10
N GLN A 391 -1.74 -14.04 11.28
CA GLN A 391 -1.31 -13.02 10.33
C GLN A 391 -2.07 -11.74 10.61
N GLY A 392 -1.33 -10.65 10.86
CA GLY A 392 -1.95 -9.39 11.18
C GLY A 392 -2.37 -8.61 9.95
N GLN A 393 -3.25 -7.64 10.19
CA GLN A 393 -3.71 -6.72 9.16
C GLN A 393 -3.44 -5.29 9.61
N LEU A 394 -3.24 -4.41 8.63
CA LEU A 394 -2.99 -3.00 8.89
C LEU A 394 -4.30 -2.23 8.73
N VAL A 395 -4.64 -1.43 9.74
CA VAL A 395 -5.78 -0.52 9.68
C VAL A 395 -5.21 0.89 9.85
N THR A 396 -5.27 1.69 8.79
CA THR A 396 -4.71 3.03 8.78
C THR A 396 -5.79 4.10 8.80
N CYS A 397 -5.44 5.25 9.38
CA CYS A 397 -6.20 6.48 9.19
C CYS A 397 -5.65 7.18 7.95
N SER A 398 -6.42 7.20 6.87
CA SER A 398 -5.93 7.71 5.60
C SER A 398 -6.77 8.90 5.13
N GLY A 399 -6.14 9.74 4.31
CA GLY A 399 -6.82 10.86 3.69
C GLY A 399 -7.01 12.03 4.64
N ALA A 400 -7.70 13.05 4.12
CA ALA A 400 -8.03 14.24 4.90
C ALA A 400 -9.28 14.88 4.31
N PHE A 401 -10.01 15.57 5.16
CA PHE A 401 -11.23 16.31 4.78
C PHE A 401 -12.22 15.29 4.21
N LYS A 402 -12.93 15.62 3.12
CA LYS A 402 -13.94 14.70 2.59
C LYS A 402 -13.33 13.42 2.03
N GLU A 403 -12.01 13.34 1.88
CA GLU A 403 -11.37 12.11 1.43
C GLU A 403 -10.94 11.21 2.57
N GLY A 404 -11.16 11.62 3.82
CA GLY A 404 -10.68 10.82 4.94
C GLY A 404 -11.37 9.48 5.01
N SER A 405 -10.61 8.47 5.41
CA SER A 405 -11.10 7.10 5.38
C SER A 405 -10.25 6.24 6.29
N LEU A 406 -10.75 5.03 6.55
CA LEU A 406 -9.94 3.94 7.08
C LEU A 406 -9.63 2.97 5.95
N ARG A 407 -8.38 2.51 5.90
CA ARG A 407 -7.96 1.50 4.95
C ARG A 407 -7.55 0.24 5.70
N ILE A 408 -7.97 -0.91 5.20
CA ILE A 408 -7.61 -2.20 5.76
C ILE A 408 -6.72 -2.91 4.74
N ILE A 409 -5.46 -3.14 5.09
CA ILE A 409 -4.47 -3.71 4.20
C ILE A 409 -4.16 -5.14 4.66
N ARG A 410 -4.32 -6.10 3.75
CA ARG A 410 -4.23 -7.51 4.07
C ARG A 410 -3.39 -8.23 3.01
N ASN A 411 -2.45 -9.07 3.47
CA ASN A 411 -1.67 -9.90 2.57
C ASN A 411 -2.44 -11.15 2.20
N GLY A 412 -2.45 -11.49 0.91
CA GLY A 412 -3.12 -12.69 0.49
C GLY A 412 -3.24 -12.76 -1.02
N ILE A 413 -3.99 -13.76 -1.47
CA ILE A 413 -4.23 -14.03 -2.89
C ILE A 413 -5.70 -13.83 -3.17
N GLY A 414 -6.01 -13.08 -4.23
CA GLY A 414 -7.38 -12.76 -4.56
C GLY A 414 -8.05 -13.83 -5.41
N ILE A 415 -9.37 -13.92 -5.27
CA ILE A 415 -10.19 -14.84 -6.04
C ILE A 415 -11.22 -14.02 -6.81
N HIS A 416 -11.36 -14.30 -8.09
CA HIS A 416 -12.29 -13.59 -8.96
C HIS A 416 -13.42 -14.56 -9.30
N GLU A 417 -14.52 -14.45 -8.55
CA GLU A 417 -15.64 -15.37 -8.71
C GLU A 417 -16.48 -14.97 -9.92
N HIS A 418 -16.71 -15.94 -10.82
CA HIS A 418 -17.48 -15.70 -12.03
C HIS A 418 -18.78 -16.49 -12.07
N ALA A 419 -19.02 -17.36 -11.11
CA ALA A 419 -20.26 -18.13 -11.08
C ALA A 419 -20.49 -18.63 -9.66
N SER A 420 -21.76 -18.69 -9.27
CA SER A 420 -22.14 -19.15 -7.94
C SER A 420 -23.42 -19.97 -8.05
N ILE A 421 -23.44 -21.13 -7.40
CA ILE A 421 -24.58 -22.02 -7.40
C ILE A 421 -24.85 -22.46 -5.97
N ASP A 422 -26.09 -22.30 -5.52
CA ASP A 422 -26.48 -22.69 -4.17
C ASP A 422 -26.69 -24.21 -4.15
N LEU A 423 -25.68 -24.94 -3.71
CA LEU A 423 -25.73 -26.40 -3.64
C LEU A 423 -25.14 -26.85 -2.31
N PRO A 424 -25.97 -26.99 -1.28
CA PRO A 424 -25.47 -27.32 0.05
C PRO A 424 -25.11 -28.78 0.19
N GLY A 425 -24.31 -29.08 1.22
CA GLY A 425 -23.99 -30.45 1.56
C GLY A 425 -23.02 -31.13 0.61
N ILE A 426 -22.17 -30.36 -0.08
CA ILE A 426 -21.25 -30.94 -1.04
C ILE A 426 -20.09 -31.61 -0.28
N LYS A 427 -19.69 -32.79 -0.75
CA LYS A 427 -18.62 -33.55 -0.09
C LYS A 427 -17.49 -33.93 -1.04
N GLY A 428 -17.47 -33.41 -2.26
CA GLY A 428 -16.40 -33.73 -3.19
C GLY A 428 -16.59 -33.18 -4.59
N LEU A 429 -15.48 -32.77 -5.23
CA LEU A 429 -15.50 -32.18 -6.55
C LEU A 429 -14.48 -32.87 -7.45
N TRP A 430 -14.85 -33.09 -8.71
CA TRP A 430 -13.95 -33.71 -9.68
C TRP A 430 -14.27 -33.19 -11.08
N PRO A 431 -13.28 -32.66 -11.79
CA PRO A 431 -13.49 -32.29 -13.19
C PRO A 431 -13.47 -33.50 -14.10
N LEU A 432 -14.12 -33.36 -15.25
CA LEU A 432 -14.30 -34.51 -16.13
C LEU A 432 -14.57 -34.04 -17.55
N ARG A 433 -14.00 -34.75 -18.52
CA ARG A 433 -14.21 -34.49 -19.95
C ARG A 433 -15.08 -35.63 -20.49
N SER A 434 -16.38 -35.35 -20.62
CA SER A 434 -17.32 -36.37 -21.12
C SER A 434 -17.06 -36.75 -22.57
N ASP A 435 -16.22 -36.00 -23.28
CA ASP A 435 -15.90 -36.26 -24.68
C ASP A 435 -14.39 -36.47 -24.75
N PRO A 436 -13.91 -37.60 -25.27
CA PRO A 436 -12.46 -37.85 -25.30
C PRO A 436 -11.71 -37.07 -26.35
N ASN A 437 -12.38 -36.46 -27.33
CA ASN A 437 -11.68 -35.70 -28.36
C ASN A 437 -11.41 -34.24 -27.98
N ARG A 438 -12.13 -33.70 -27.01
CA ARG A 438 -11.91 -32.32 -26.58
C ARG A 438 -10.83 -32.29 -25.50
N GLU A 439 -10.10 -31.18 -25.46
CA GLU A 439 -9.09 -30.95 -24.43
C GLU A 439 -9.59 -30.02 -23.33
N THR A 440 -10.91 -29.91 -23.17
CA THR A 440 -11.52 -28.95 -22.27
C THR A 440 -12.56 -29.65 -21.41
N ASP A 441 -12.52 -29.40 -20.10
CA ASP A 441 -13.51 -29.97 -19.20
C ASP A 441 -14.91 -29.46 -19.53
N ASP A 442 -15.88 -30.36 -19.52
CA ASP A 442 -17.27 -30.00 -19.73
C ASP A 442 -18.19 -30.59 -18.68
N THR A 443 -17.65 -31.18 -17.62
CA THR A 443 -18.43 -31.91 -16.64
C THR A 443 -17.83 -31.69 -15.26
N LEU A 444 -18.71 -31.56 -14.26
CA LEU A 444 -18.30 -31.40 -12.87
C LEU A 444 -19.11 -32.37 -12.03
N VAL A 445 -18.45 -33.39 -11.48
CA VAL A 445 -19.12 -34.42 -10.69
C VAL A 445 -19.01 -34.05 -9.21
N LEU A 446 -20.14 -34.09 -8.52
CA LEU A 446 -20.24 -33.67 -7.13
C LEU A 446 -20.65 -34.84 -6.25
N SER A 447 -20.08 -34.91 -5.06
CA SER A 447 -20.36 -35.98 -4.11
C SER A 447 -21.09 -35.42 -2.89
N PHE A 448 -22.08 -36.16 -2.42
CA PHE A 448 -22.84 -35.78 -1.24
C PHE A 448 -22.95 -36.95 -0.28
N VAL A 449 -23.77 -36.83 0.74
CA VAL A 449 -23.98 -37.91 1.71
C VAL A 449 -24.68 -39.08 1.02
N GLY A 450 -23.90 -40.04 0.52
CA GLY A 450 -24.47 -41.20 -0.13
C GLY A 450 -25.14 -40.91 -1.46
N GLN A 451 -24.74 -39.84 -2.14
CA GLN A 451 -25.28 -39.50 -3.44
C GLN A 451 -24.16 -38.95 -4.32
N THR A 452 -24.42 -38.92 -5.62
CA THR A 452 -23.45 -38.40 -6.59
C THR A 452 -24.22 -37.76 -7.73
N ARG A 453 -24.07 -36.45 -7.88
CA ARG A 453 -24.74 -35.70 -8.92
C ARG A 453 -23.73 -35.20 -9.95
N VAL A 454 -24.22 -34.93 -11.16
CA VAL A 454 -23.38 -34.55 -12.29
C VAL A 454 -23.92 -33.25 -12.89
N LEU A 455 -23.02 -32.31 -13.17
CA LEU A 455 -23.34 -31.07 -13.85
C LEU A 455 -22.51 -30.94 -15.11
N MET A 456 -23.10 -30.40 -16.16
CA MET A 456 -22.41 -30.18 -17.44
C MET A 456 -22.24 -28.69 -17.69
N LEU A 457 -21.19 -28.36 -18.46
CA LEU A 457 -20.79 -26.97 -18.70
C LEU A 457 -20.87 -26.70 -20.20
N ASN A 458 -21.99 -26.13 -20.64
CA ASN A 458 -22.17 -25.73 -22.04
C ASN A 458 -21.82 -24.25 -22.14
N GLY A 459 -20.55 -23.97 -22.40
CA GLY A 459 -20.08 -22.60 -22.44
C GLY A 459 -20.15 -21.94 -21.07
N GLU A 460 -20.99 -20.92 -20.95
CA GLU A 460 -21.20 -20.25 -19.67
C GLU A 460 -22.43 -20.77 -18.93
N GLU A 461 -23.14 -21.74 -19.49
CA GLU A 461 -24.34 -22.26 -18.85
C GLU A 461 -24.02 -23.56 -18.11
N VAL A 462 -24.69 -23.75 -16.97
CA VAL A 462 -24.52 -24.91 -16.13
C VAL A 462 -25.87 -25.59 -15.97
N GLU A 463 -25.90 -26.91 -16.16
CA GLU A 463 -27.13 -27.66 -15.96
C GLU A 463 -26.83 -29.04 -15.42
N GLU A 464 -27.67 -29.52 -14.52
CA GLU A 464 -27.56 -30.88 -14.00
C GLU A 464 -27.87 -31.90 -15.09
N THR A 465 -27.05 -32.94 -15.16
CA THR A 465 -27.24 -34.01 -16.14
C THR A 465 -26.88 -35.33 -15.48
N GLU A 466 -26.79 -36.38 -16.29
CA GLU A 466 -26.38 -37.70 -15.82
C GLU A 466 -25.26 -38.22 -16.71
N LEU A 467 -24.48 -39.15 -16.15
CA LEU A 467 -23.38 -39.78 -16.88
C LEU A 467 -23.61 -41.29 -16.90
N MET A 468 -23.66 -41.85 -18.11
CA MET A 468 -23.85 -43.29 -18.25
C MET A 468 -22.64 -44.04 -17.70
N GLY A 469 -22.91 -45.16 -17.02
CA GLY A 469 -21.89 -45.94 -16.39
C GLY A 469 -21.57 -45.55 -14.96
N PHE A 470 -21.94 -44.33 -14.56
CA PHE A 470 -21.71 -43.87 -13.20
C PHE A 470 -22.91 -44.18 -12.32
N VAL A 471 -22.68 -44.15 -11.00
CA VAL A 471 -23.68 -44.49 -10.01
C VAL A 471 -24.04 -43.24 -9.22
N ASP A 472 -25.34 -43.02 -9.02
CA ASP A 472 -25.83 -41.88 -8.26
C ASP A 472 -26.20 -42.24 -6.82
N ASP A 473 -26.14 -43.52 -6.46
CA ASP A 473 -26.58 -43.98 -5.15
C ASP A 473 -25.46 -44.10 -4.13
N GLN A 474 -24.21 -44.14 -4.57
CA GLN A 474 -23.09 -44.30 -3.64
C GLN A 474 -22.19 -43.08 -3.71
N GLN A 475 -21.69 -42.67 -2.55
CA GLN A 475 -20.85 -41.47 -2.47
C GLN A 475 -19.54 -41.71 -3.21
N THR A 476 -19.21 -40.80 -4.12
CA THR A 476 -18.03 -40.92 -4.94
C THR A 476 -16.80 -40.45 -4.17
N PHE A 477 -15.73 -41.25 -4.22
CA PHE A 477 -14.46 -40.87 -3.63
C PHE A 477 -13.48 -40.31 -4.65
N PHE A 478 -13.62 -40.66 -5.92
CA PHE A 478 -12.82 -40.10 -7.00
C PHE A 478 -13.45 -40.48 -8.33
N CYS A 479 -13.28 -39.58 -9.30
CA CYS A 479 -13.65 -39.89 -10.68
C CYS A 479 -12.87 -38.96 -11.60
N GLY A 480 -12.74 -39.37 -12.86
CA GLY A 480 -12.01 -38.58 -13.83
C GLY A 480 -11.69 -39.38 -15.07
N ASN A 481 -11.04 -38.70 -16.01
CA ASN A 481 -10.56 -39.36 -17.22
C ASN A 481 -9.34 -40.21 -16.92
N VAL A 482 -9.28 -41.39 -17.54
CA VAL A 482 -8.18 -42.32 -17.37
C VAL A 482 -7.71 -42.78 -18.76
N ALA A 483 -6.73 -43.68 -18.76
CA ALA A 483 -6.05 -44.09 -19.98
C ALA A 483 -6.99 -44.91 -20.87
N HIS A 484 -6.58 -45.04 -22.13
CA HIS A 484 -7.30 -45.81 -23.14
C HIS A 484 -8.70 -45.26 -23.38
N GLN A 485 -8.85 -43.94 -23.25
CA GLN A 485 -10.10 -43.23 -23.52
C GLN A 485 -11.25 -43.82 -22.71
N GLN A 486 -11.08 -43.80 -21.39
CA GLN A 486 -12.07 -44.36 -20.48
C GLN A 486 -12.30 -43.38 -19.33
N LEU A 487 -13.33 -43.66 -18.54
CA LEU A 487 -13.66 -42.91 -17.34
C LEU A 487 -13.70 -43.86 -16.15
N ILE A 488 -13.37 -43.34 -14.97
CA ILE A 488 -13.36 -44.14 -13.76
C ILE A 488 -14.21 -43.47 -12.70
N GLN A 489 -14.79 -44.28 -11.81
CA GLN A 489 -15.52 -43.77 -10.65
C GLN A 489 -15.25 -44.69 -9.47
N ILE A 490 -14.73 -44.12 -8.39
CA ILE A 490 -14.46 -44.86 -7.17
C ILE A 490 -15.47 -44.41 -6.13
N THR A 491 -16.35 -45.32 -5.72
CA THR A 491 -17.34 -45.06 -4.71
C THR A 491 -16.98 -45.79 -3.43
N SER A 492 -17.83 -45.63 -2.41
CA SER A 492 -17.63 -46.33 -1.14
C SER A 492 -17.90 -47.82 -1.24
N ALA A 493 -18.32 -48.31 -2.41
CA ALA A 493 -18.64 -49.72 -2.60
C ALA A 493 -17.70 -50.44 -3.56
N SER A 494 -17.19 -49.74 -4.57
CA SER A 494 -16.36 -50.38 -5.59
C SER A 494 -15.70 -49.30 -6.45
N VAL A 495 -14.94 -49.74 -7.45
CA VAL A 495 -14.35 -48.88 -8.47
C VAL A 495 -14.87 -49.33 -9.83
N ARG A 496 -15.44 -48.40 -10.59
CA ARG A 496 -16.08 -48.70 -11.86
C ARG A 496 -15.33 -48.04 -13.00
N LEU A 497 -15.17 -48.78 -14.10
CA LEU A 497 -14.48 -48.30 -15.30
C LEU A 497 -15.48 -48.22 -16.44
N VAL A 498 -15.55 -47.05 -17.08
CA VAL A 498 -16.58 -46.75 -18.07
C VAL A 498 -15.92 -46.38 -19.39
N SER A 499 -16.49 -46.89 -20.49
CA SER A 499 -16.04 -46.52 -21.82
C SER A 499 -16.46 -45.09 -22.15
N GLN A 500 -15.90 -44.55 -23.23
CA GLN A 500 -16.07 -43.13 -23.52
C GLN A 500 -17.11 -42.86 -24.62
N GLU A 501 -16.77 -43.16 -25.88
CA GLU A 501 -17.66 -42.75 -26.97
C GLU A 501 -19.01 -43.45 -26.89
N PRO A 502 -19.12 -44.77 -26.77
CA PRO A 502 -20.34 -45.35 -26.19
C PRO A 502 -20.14 -45.60 -24.70
N LYS A 503 -20.65 -44.70 -23.86
CA LYS A 503 -20.44 -44.81 -22.42
C LYS A 503 -21.16 -46.03 -21.88
N ALA A 504 -20.39 -46.93 -21.26
CA ALA A 504 -20.94 -48.14 -20.66
C ALA A 504 -19.92 -48.71 -19.70
N LEU A 505 -20.42 -49.44 -18.70
CA LEU A 505 -19.56 -50.14 -17.77
C LEU A 505 -18.81 -51.26 -18.50
N VAL A 506 -17.49 -51.23 -18.41
CA VAL A 506 -16.68 -52.26 -19.05
C VAL A 506 -15.92 -53.12 -18.04
N SER A 507 -15.65 -52.62 -16.85
CA SER A 507 -14.97 -53.42 -15.83
C SER A 507 -15.29 -52.84 -14.45
N GLU A 508 -15.35 -53.72 -13.46
CA GLU A 508 -15.68 -53.32 -12.10
C GLU A 508 -14.89 -54.19 -11.13
N TRP A 509 -14.26 -53.54 -10.15
CA TRP A 509 -13.50 -54.24 -9.11
C TRP A 509 -14.15 -53.99 -7.76
N LYS A 510 -14.33 -55.06 -6.99
CA LYS A 510 -14.87 -54.99 -5.64
C LYS A 510 -13.89 -55.61 -4.67
N GLU A 511 -14.15 -55.40 -3.38
CA GLU A 511 -13.35 -56.04 -2.35
C GLU A 511 -13.61 -57.54 -2.38
N PRO A 512 -12.58 -58.38 -2.18
CA PRO A 512 -12.79 -59.84 -2.21
C PRO A 512 -13.92 -60.33 -1.32
N GLN A 513 -14.14 -59.69 -0.17
CA GLN A 513 -15.24 -60.03 0.71
C GLN A 513 -16.32 -58.94 0.73
N ALA A 514 -16.28 -58.03 -0.25
CA ALA A 514 -17.29 -57.00 -0.43
C ALA A 514 -17.40 -56.09 0.79
N LYS A 515 -16.25 -55.66 1.31
CA LYS A 515 -16.22 -54.67 2.38
C LYS A 515 -16.15 -53.27 1.81
N ASN A 516 -16.46 -52.29 2.65
CA ASN A 516 -16.49 -50.91 2.20
C ASN A 516 -15.09 -50.40 1.89
N ILE A 517 -15.02 -49.40 1.02
CA ILE A 517 -13.77 -48.78 0.63
C ILE A 517 -13.50 -47.62 1.58
N SER A 518 -12.28 -47.58 2.12
CA SER A 518 -11.91 -46.56 3.11
C SER A 518 -11.19 -45.36 2.49
N VAL A 519 -10.09 -45.60 1.78
CA VAL A 519 -9.31 -44.55 1.17
C VAL A 519 -9.10 -44.89 -0.31
N ALA A 520 -9.11 -43.86 -1.15
CA ALA A 520 -9.00 -44.04 -2.60
C ALA A 520 -8.00 -43.06 -3.18
N SER A 521 -7.26 -43.53 -4.18
CA SER A 521 -6.30 -42.72 -4.92
C SER A 521 -6.19 -43.28 -6.32
N CYS A 522 -5.92 -42.39 -7.29
CA CYS A 522 -6.00 -42.79 -8.68
C CYS A 522 -5.26 -41.77 -9.55
N ASN A 523 -4.67 -42.27 -10.63
CA ASN A 523 -4.09 -41.42 -11.66
C ASN A 523 -4.60 -41.93 -13.01
N SER A 524 -3.91 -41.57 -14.08
CA SER A 524 -4.43 -41.87 -15.42
C SER A 524 -4.37 -43.36 -15.74
N SER A 525 -3.44 -44.10 -15.11
CA SER A 525 -3.30 -45.52 -15.41
C SER A 525 -3.17 -46.41 -14.19
N GLN A 526 -3.29 -45.88 -12.98
CA GLN A 526 -3.10 -46.68 -11.77
C GLN A 526 -4.18 -46.32 -10.75
N VAL A 527 -4.56 -47.32 -9.96
CA VAL A 527 -5.54 -47.16 -8.88
C VAL A 527 -4.97 -47.86 -7.65
N VAL A 528 -4.99 -47.16 -6.51
CA VAL A 528 -4.59 -47.74 -5.22
C VAL A 528 -5.73 -47.49 -4.26
N VAL A 529 -6.38 -48.57 -3.82
CA VAL A 529 -7.54 -48.50 -2.94
C VAL A 529 -7.21 -49.20 -1.63
N ALA A 530 -7.60 -48.59 -0.52
CA ALA A 530 -7.34 -49.13 0.81
C ALA A 530 -8.63 -49.61 1.45
N VAL A 531 -8.55 -50.73 2.14
CA VAL A 531 -9.65 -51.29 2.92
C VAL A 531 -9.11 -51.55 4.32
N GLY A 532 -9.19 -50.54 5.19
CA GLY A 532 -8.61 -50.65 6.51
C GLY A 532 -7.09 -50.63 6.48
N ARG A 533 -6.47 -51.80 6.61
CA ARG A 533 -5.02 -51.94 6.47
C ARG A 533 -4.62 -52.60 5.16
N ALA A 534 -5.58 -53.12 4.39
CA ALA A 534 -5.29 -53.80 3.14
C ALA A 534 -5.24 -52.81 1.98
N LEU A 535 -4.22 -52.94 1.14
CA LEU A 535 -4.09 -52.14 -0.06
C LEU A 535 -4.27 -53.03 -1.29
N TYR A 536 -4.77 -52.42 -2.37
CA TYR A 536 -4.96 -53.12 -3.63
C TYR A 536 -4.49 -52.21 -4.75
N TYR A 537 -3.58 -52.72 -5.58
CA TYR A 537 -3.01 -51.97 -6.70
C TYR A 537 -3.65 -52.46 -7.99
N LEU A 538 -4.40 -51.58 -8.65
CA LEU A 538 -5.06 -51.88 -9.91
C LEU A 538 -4.49 -51.01 -11.02
N GLN A 539 -4.43 -51.57 -12.22
CA GLN A 539 -3.96 -50.87 -13.41
C GLN A 539 -5.10 -50.72 -14.39
N ILE A 540 -5.18 -49.55 -15.02
CA ILE A 540 -6.24 -49.25 -15.98
C ILE A 540 -5.80 -49.73 -17.36
N HIS A 541 -6.51 -50.69 -17.91
CA HIS A 541 -6.23 -51.28 -19.21
C HIS A 541 -7.51 -51.23 -20.05
N PRO A 542 -7.39 -51.42 -21.39
CA PRO A 542 -8.59 -51.39 -22.23
C PRO A 542 -9.68 -52.35 -21.76
N GLN A 543 -10.75 -51.79 -21.21
CA GLN A 543 -11.90 -52.55 -20.73
C GLN A 543 -11.49 -53.60 -19.70
N GLU A 544 -10.54 -53.25 -18.84
CA GLU A 544 -10.06 -54.20 -17.84
C GLU A 544 -9.44 -53.44 -16.67
N LEU A 545 -9.89 -53.76 -15.45
CA LEU A 545 -9.28 -53.28 -14.23
C LEU A 545 -8.42 -54.41 -13.67
N ARG A 546 -7.19 -54.49 -14.18
CA ARG A 546 -6.29 -55.59 -13.84
C ARG A 546 -5.63 -55.34 -12.49
N GLN A 547 -5.92 -56.20 -11.52
CA GLN A 547 -5.27 -56.13 -10.22
C GLN A 547 -3.85 -56.69 -10.33
N ILE A 548 -2.88 -55.93 -9.85
CA ILE A 548 -1.48 -56.29 -9.95
C ILE A 548 -0.91 -56.74 -8.61
N SER A 549 -1.30 -56.09 -7.51
CA SER A 549 -0.73 -56.39 -6.21
C SER A 549 -1.78 -56.18 -5.12
N HIS A 550 -1.49 -56.71 -3.94
CA HIS A 550 -2.31 -56.50 -2.76
C HIS A 550 -1.52 -56.89 -1.53
N THR A 551 -1.41 -55.96 -0.57
CA THR A 551 -0.65 -56.22 0.64
C THR A 551 -1.47 -55.80 1.86
N GLU A 552 -0.83 -55.83 3.04
CA GLU A 552 -1.46 -55.39 4.28
C GLU A 552 -0.46 -54.56 5.07
N MET A 553 -0.82 -53.32 5.38
CA MET A 553 0.03 -52.48 6.22
C MET A 553 -0.13 -52.87 7.68
N GLU A 554 0.85 -52.45 8.49
CA GLU A 554 0.80 -52.77 9.91
C GLU A 554 -0.24 -51.93 10.65
N HIS A 555 -0.71 -50.84 10.05
CA HIS A 555 -1.72 -49.98 10.66
C HIS A 555 -2.73 -49.57 9.61
N GLU A 556 -3.83 -48.99 10.08
CA GLU A 556 -4.92 -48.61 9.19
C GLU A 556 -4.51 -47.43 8.31
N VAL A 557 -4.85 -47.52 7.02
CA VAL A 557 -4.48 -46.48 6.07
C VAL A 557 -5.32 -45.23 6.30
N ALA A 558 -4.67 -44.07 6.29
CA ALA A 558 -5.33 -42.79 6.49
C ALA A 558 -5.53 -42.02 5.19
N CYS A 559 -4.48 -41.90 4.37
CA CYS A 559 -4.56 -41.16 3.13
C CYS A 559 -3.59 -41.77 2.13
N LEU A 560 -3.85 -41.52 0.85
CA LEU A 560 -3.08 -42.12 -0.23
C LEU A 560 -2.84 -41.10 -1.32
N ASP A 561 -1.78 -41.31 -2.10
CA ASP A 561 -1.49 -40.49 -3.27
C ASP A 561 -0.54 -41.25 -4.17
N ILE A 562 -0.81 -41.21 -5.48
CA ILE A 562 0.05 -41.86 -6.46
C ILE A 562 0.28 -40.95 -7.65
N THR A 563 0.47 -39.66 -7.39
CA THR A 563 0.71 -38.69 -8.44
C THR A 563 2.05 -38.97 -9.12
N PRO A 564 2.07 -39.24 -10.44
CA PRO A 564 3.36 -39.48 -11.12
C PRO A 564 4.19 -38.21 -11.25
N LEU A 565 5.26 -38.11 -10.46
CA LEU A 565 6.05 -36.88 -10.44
C LEU A 565 6.98 -36.80 -11.64
N GLY A 566 7.66 -37.89 -11.97
CA GLY A 566 8.54 -37.92 -13.12
C GLY A 566 7.78 -37.90 -14.43
N GLY A 570 3.01 -41.72 -17.08
CA GLY A 570 1.92 -41.63 -16.13
C GLY A 570 1.85 -42.83 -15.19
N LEU A 571 2.87 -43.68 -15.27
CA LEU A 571 2.96 -44.87 -14.43
C LEU A 571 3.88 -44.54 -13.25
N SER A 572 3.29 -44.20 -12.11
CA SER A 572 4.07 -43.85 -10.94
C SER A 572 4.70 -45.10 -10.33
N PRO A 573 6.02 -45.13 -10.14
CA PRO A 573 6.63 -46.24 -9.40
C PRO A 573 6.58 -46.07 -7.89
N LEU A 574 5.99 -44.98 -7.39
CA LEU A 574 5.94 -44.70 -5.96
C LEU A 574 4.49 -44.55 -5.52
N CYS A 575 4.27 -44.75 -4.22
CA CYS A 575 2.95 -44.61 -3.63
C CYS A 575 3.09 -44.04 -2.23
N ALA A 576 2.64 -42.81 -2.03
CA ALA A 576 2.67 -42.19 -0.71
C ALA A 576 1.46 -42.63 0.10
N ILE A 577 1.68 -42.85 1.40
CA ILE A 577 0.64 -43.38 2.28
C ILE A 577 0.80 -42.77 3.67
N GLY A 578 -0.33 -42.57 4.33
CA GLY A 578 -0.34 -42.12 5.72
C GLY A 578 -1.04 -43.15 6.59
N LEU A 579 -0.54 -43.34 7.81
CA LEU A 579 -1.02 -44.37 8.70
C LEU A 579 -1.65 -43.77 9.95
N TRP A 580 -2.47 -44.58 10.63
CA TRP A 580 -3.32 -44.12 11.71
C TRP A 580 -2.62 -44.14 13.07
N THR A 581 -2.17 -45.31 13.51
CA THR A 581 -1.61 -45.44 14.84
C THR A 581 -0.17 -44.99 14.92
N ASP A 582 0.58 -45.13 13.82
CA ASP A 582 1.98 -44.73 13.81
C ASP A 582 2.15 -43.23 13.53
N ILE A 583 1.18 -42.61 12.86
CA ILE A 583 1.30 -41.24 12.36
C ILE A 583 2.60 -41.19 11.54
N SER A 584 2.60 -41.88 10.40
CA SER A 584 3.80 -42.02 9.58
C SER A 584 3.45 -41.79 8.12
N ALA A 585 4.32 -41.10 7.41
CA ALA A 585 4.20 -40.89 5.97
C ALA A 585 5.26 -41.75 5.30
N ARG A 586 4.81 -42.77 4.57
CA ARG A 586 5.70 -43.75 3.97
C ARG A 586 5.62 -43.68 2.45
N ILE A 587 6.76 -43.95 1.81
CA ILE A 587 6.86 -44.03 0.36
C ILE A 587 7.11 -45.48 -0.02
N LEU A 588 6.15 -46.07 -0.73
CA LEU A 588 6.22 -47.47 -1.13
C LEU A 588 6.50 -47.57 -2.62
N LYS A 589 6.93 -48.76 -3.04
CA LYS A 589 7.31 -49.01 -4.43
C LYS A 589 6.20 -49.82 -5.11
N LEU A 590 5.67 -49.28 -6.20
CA LEU A 590 4.75 -50.16 -6.92
C LEU A 590 5.54 -51.02 -7.90
N PRO A 591 5.13 -52.28 -8.11
CA PRO A 591 3.97 -52.95 -7.51
C PRO A 591 4.31 -53.79 -6.28
N SER A 592 5.59 -53.88 -5.89
CA SER A 592 5.97 -54.74 -4.78
C SER A 592 5.48 -54.22 -3.43
N PHE A 593 5.12 -52.94 -3.34
CA PHE A 593 4.62 -52.29 -2.13
C PHE A 593 5.64 -52.28 -1.01
N GLU A 594 6.90 -52.56 -1.30
CA GLU A 594 7.94 -52.54 -0.29
C GLU A 594 8.22 -51.10 0.17
N LEU A 595 8.72 -50.98 1.39
CA LEU A 595 8.91 -49.67 2.00
C LEU A 595 10.25 -49.09 1.54
N LEU A 596 10.23 -47.81 1.16
CA LEU A 596 11.43 -47.08 0.75
C LEU A 596 11.88 -46.05 1.76
N HIS A 597 10.96 -45.37 2.42
CA HIS A 597 11.31 -44.35 3.41
C HIS A 597 10.09 -44.11 4.28
N LYS A 598 10.31 -44.08 5.59
CA LYS A 598 9.26 -43.77 6.55
C LYS A 598 9.75 -42.67 7.47
N GLU A 599 8.93 -41.65 7.66
CA GLU A 599 9.25 -40.54 8.55
C GLU A 599 8.25 -40.51 9.69
N MET A 600 8.75 -40.43 10.91
CA MET A 600 7.91 -40.34 12.11
C MET A 600 7.43 -38.91 12.25
N LEU A 601 6.13 -38.69 12.11
CA LEU A 601 5.59 -37.35 12.16
C LEU A 601 5.35 -36.88 13.58
N GLY A 602 5.00 -37.79 14.49
CA GLY A 602 4.81 -37.46 15.88
C GLY A 602 3.39 -37.05 16.22
N GLY A 603 3.14 -36.90 17.53
CA GLY A 603 1.84 -36.54 18.01
C GLY A 603 0.88 -37.72 18.02
N GLU A 604 -0.39 -37.40 18.27
CA GLU A 604 -1.45 -38.39 18.28
C GLU A 604 -2.52 -38.12 17.21
N ILE A 605 -2.40 -37.04 16.45
CA ILE A 605 -3.35 -36.72 15.40
C ILE A 605 -2.95 -37.45 14.12
N ILE A 606 -3.93 -38.03 13.45
CA ILE A 606 -3.68 -38.81 12.24
C ILE A 606 -3.52 -37.88 11.05
N PRO A 607 -2.79 -38.29 10.01
CA PRO A 607 -2.74 -37.47 8.79
C PRO A 607 -4.05 -37.59 8.02
N ARG A 608 -4.55 -36.45 7.54
CA ARG A 608 -5.78 -36.40 6.77
C ARG A 608 -5.54 -36.41 5.26
N SER A 609 -4.51 -35.70 4.79
CA SER A 609 -4.22 -35.59 3.37
C SER A 609 -2.74 -35.78 3.14
N ILE A 610 -2.40 -36.41 2.00
CA ILE A 610 -1.01 -36.59 1.60
C ILE A 610 -0.93 -36.42 0.09
N LEU A 611 0.18 -35.83 -0.37
CA LEU A 611 0.27 -35.44 -1.78
C LEU A 611 1.72 -35.42 -2.21
N MET A 612 2.01 -36.04 -3.36
CA MET A 612 3.29 -35.93 -4.03
C MET A 612 3.15 -34.90 -5.14
N THR A 613 4.01 -33.87 -5.12
CA THR A 613 3.89 -32.79 -6.07
C THR A 613 5.28 -32.30 -6.47
N THR A 614 5.32 -31.43 -7.47
CA THR A 614 6.56 -30.88 -8.00
C THR A 614 6.47 -29.37 -8.02
N PHE A 615 7.48 -28.71 -7.46
CA PHE A 615 7.56 -27.25 -7.45
C PHE A 615 8.92 -26.84 -8.00
N GLU A 616 8.91 -26.14 -9.13
CA GLU A 616 10.12 -25.62 -9.77
C GLU A 616 11.12 -26.75 -10.03
N SER A 617 10.63 -27.81 -10.69
CA SER A 617 11.41 -28.99 -11.05
C SER A 617 11.92 -29.76 -9.85
N SER A 618 11.54 -29.37 -8.63
CA SER A 618 11.92 -30.08 -7.42
C SER A 618 10.70 -30.83 -6.88
N HIS A 619 10.93 -32.02 -6.36
CA HIS A 619 9.85 -32.90 -5.92
C HIS A 619 9.70 -32.83 -4.41
N TYR A 620 8.45 -32.74 -3.96
CA TYR A 620 8.12 -32.61 -2.55
C TYR A 620 7.07 -33.64 -2.16
N LEU A 621 7.02 -33.92 -0.86
CA LEU A 621 5.97 -34.76 -0.27
C LEU A 621 5.24 -33.91 0.76
N LEU A 622 3.98 -33.59 0.48
CA LEU A 622 3.15 -32.81 1.37
C LEU A 622 2.29 -33.75 2.20
N CYS A 623 2.18 -33.46 3.50
CA CYS A 623 1.34 -34.28 4.37
C CYS A 623 0.77 -33.39 5.47
N ALA A 624 -0.56 -33.40 5.61
CA ALA A 624 -1.26 -32.57 6.56
C ALA A 624 -2.05 -33.44 7.53
N LEU A 625 -2.04 -33.05 8.80
CA LEU A 625 -2.79 -33.76 9.84
C LEU A 625 -4.13 -33.05 10.07
N GLY A 626 -4.90 -33.60 11.01
CA GLY A 626 -6.21 -33.04 11.31
C GLY A 626 -6.18 -31.77 12.13
N ASP A 627 -5.06 -31.45 12.76
CA ASP A 627 -4.93 -30.27 13.61
C ASP A 627 -4.45 -29.05 12.85
N GLY A 628 -4.32 -29.13 11.53
CA GLY A 628 -3.83 -28.02 10.73
C GLY A 628 -2.34 -28.01 10.47
N ALA A 629 -1.60 -28.97 11.01
CA ALA A 629 -0.17 -29.05 10.75
C ALA A 629 0.08 -29.54 9.33
N LEU A 630 1.17 -29.07 8.73
CA LEU A 630 1.54 -29.45 7.36
C LEU A 630 3.04 -29.71 7.34
N PHE A 631 3.41 -30.97 7.11
CA PHE A 631 4.81 -31.36 6.93
C PHE A 631 5.11 -31.46 5.44
N TYR A 632 6.23 -30.91 5.01
CA TYR A 632 6.66 -31.05 3.62
C TYR A 632 8.14 -31.37 3.58
N PHE A 633 8.49 -32.41 2.82
CA PHE A 633 9.85 -32.92 2.71
C PHE A 633 10.30 -32.87 1.25
N GLY A 634 11.60 -33.01 1.05
CA GLY A 634 12.14 -33.16 -0.29
C GLY A 634 12.06 -34.61 -0.71
N LEU A 635 11.56 -34.85 -1.92
CA LEU A 635 11.35 -36.20 -2.42
C LEU A 635 12.30 -36.49 -3.57
N ASN A 636 12.92 -37.65 -3.54
CA ASN A 636 13.74 -38.15 -4.63
C ASN A 636 12.97 -39.24 -5.37
N ILE A 637 12.70 -39.01 -6.65
CA ILE A 637 11.87 -39.95 -7.41
C ILE A 637 12.59 -41.28 -7.59
N GLU A 638 13.92 -41.26 -7.69
CA GLU A 638 14.65 -42.50 -7.95
C GLU A 638 14.73 -43.39 -6.71
N THR A 639 15.06 -42.81 -5.56
CA THR A 639 15.22 -43.58 -4.34
C THR A 639 14.01 -43.54 -3.42
N GLY A 640 13.14 -42.54 -3.56
CA GLY A 640 12.02 -42.41 -2.64
C GLY A 640 12.41 -41.94 -1.27
N LEU A 641 13.47 -41.15 -1.17
CA LEU A 641 14.03 -40.72 0.11
C LEU A 641 13.47 -39.34 0.48
N LEU A 642 12.96 -39.23 1.71
CA LEU A 642 12.48 -37.96 2.23
C LEU A 642 13.62 -37.22 2.92
N SER A 643 13.62 -35.90 2.79
CA SER A 643 14.68 -35.08 3.36
C SER A 643 14.15 -33.68 3.61
N ASP A 644 14.88 -32.93 4.45
CA ASP A 644 14.56 -31.55 4.80
C ASP A 644 13.14 -31.43 5.36
N ARG A 645 12.94 -32.08 6.52
CA ARG A 645 11.64 -32.07 7.16
C ARG A 645 11.34 -30.69 7.74
N LYS A 646 10.22 -30.10 7.31
CA LYS A 646 9.77 -28.81 7.81
C LYS A 646 8.30 -28.90 8.17
N LYS A 647 7.82 -27.92 8.93
CA LYS A 647 6.44 -27.91 9.39
C LYS A 647 5.91 -26.49 9.38
N VAL A 648 4.67 -26.33 8.93
CA VAL A 648 3.94 -25.07 9.00
C VAL A 648 2.54 -25.36 9.54
N THR A 649 1.87 -24.30 9.98
CA THR A 649 0.51 -24.39 10.51
C THR A 649 -0.42 -23.63 9.58
N LEU A 650 -1.38 -24.36 8.98
CA LEU A 650 -2.31 -23.81 8.00
C LEU A 650 -3.74 -23.74 8.54
N GLY A 651 -3.89 -23.68 9.86
CA GLY A 651 -5.20 -23.58 10.48
C GLY A 651 -5.33 -24.56 11.61
N THR A 652 -6.58 -24.82 12.01
CA THR A 652 -6.89 -25.72 13.11
C THR A 652 -7.74 -26.92 12.69
N GLN A 653 -8.49 -26.83 11.59
CA GLN A 653 -9.33 -27.89 11.07
C GLN A 653 -8.51 -28.82 10.18
N PRO A 654 -8.98 -30.04 9.93
CA PRO A 654 -8.25 -30.94 9.02
C PRO A 654 -8.15 -30.34 7.62
N THR A 655 -6.98 -30.50 7.01
CA THR A 655 -6.66 -29.89 5.73
C THR A 655 -6.60 -30.96 4.63
N VAL A 656 -7.19 -30.64 3.48
CA VAL A 656 -7.19 -31.50 2.31
C VAL A 656 -6.41 -30.80 1.21
N LEU A 657 -5.45 -31.51 0.62
CA LEU A 657 -4.57 -30.95 -0.39
C LEU A 657 -5.00 -31.39 -1.79
N ARG A 658 -4.89 -30.48 -2.75
CA ARG A 658 -5.27 -30.76 -4.12
C ARG A 658 -4.49 -29.83 -5.04
N THR A 659 -3.99 -30.37 -6.15
CA THR A 659 -3.21 -29.61 -7.10
C THR A 659 -4.11 -28.90 -8.11
N PHE A 660 -3.59 -27.79 -8.66
CA PHE A 660 -4.25 -27.08 -9.74
C PHE A 660 -3.19 -26.38 -10.58
N ARG A 661 -3.61 -25.92 -11.75
CA ARG A 661 -2.70 -25.38 -12.77
C ARG A 661 -2.87 -23.87 -12.86
N SER A 662 -1.80 -23.14 -12.54
CA SER A 662 -1.82 -21.69 -12.67
C SER A 662 -1.31 -21.26 -14.04
N THR A 665 2.98 -22.66 -13.53
CA THR A 665 3.25 -24.00 -13.04
C THR A 665 2.05 -24.56 -12.28
N THR A 666 2.25 -25.71 -11.64
CA THR A 666 1.21 -26.32 -10.82
C THR A 666 1.35 -25.86 -9.38
N ASN A 667 0.20 -25.53 -8.77
CA ASN A 667 0.16 -25.11 -7.38
C ASN A 667 -0.78 -26.02 -6.60
N VAL A 668 -0.66 -25.97 -5.27
CA VAL A 668 -1.44 -26.82 -4.38
C VAL A 668 -2.40 -25.94 -3.60
N PHE A 669 -3.67 -26.33 -3.59
CA PHE A 669 -4.70 -25.66 -2.81
C PHE A 669 -4.96 -26.48 -1.55
N ALA A 670 -4.82 -25.82 -0.39
CA ALA A 670 -5.05 -26.47 0.90
C ALA A 670 -6.41 -26.03 1.44
N CYS A 671 -7.31 -26.99 1.60
CA CYS A 671 -8.68 -26.73 2.02
C CYS A 671 -8.80 -26.93 3.53
N SER A 672 -9.14 -25.87 4.25
CA SER A 672 -9.32 -25.93 5.69
C SER A 672 -10.18 -24.75 6.12
N ASP A 673 -10.15 -24.43 7.42
CA ASP A 673 -10.90 -23.28 7.92
C ASP A 673 -10.38 -21.97 7.32
N ARG A 674 -9.07 -21.86 7.14
CA ARG A 674 -8.50 -20.75 6.37
C ARG A 674 -7.85 -21.30 5.11
N PRO A 675 -8.36 -20.94 3.93
CA PRO A 675 -7.80 -21.49 2.69
C PRO A 675 -6.41 -20.95 2.43
N THR A 676 -5.53 -21.83 1.94
CA THR A 676 -4.15 -21.47 1.67
C THR A 676 -3.74 -22.06 0.32
N VAL A 677 -3.02 -21.27 -0.46
CA VAL A 677 -2.45 -21.72 -1.72
C VAL A 677 -0.95 -21.84 -1.55
N ILE A 678 -0.42 -23.02 -1.91
CA ILE A 678 1.01 -23.29 -1.84
C ILE A 678 1.59 -23.16 -3.23
N TYR A 679 2.66 -22.37 -3.35
CA TYR A 679 3.43 -22.29 -4.59
C TYR A 679 4.88 -22.06 -4.22
N SER A 680 5.72 -21.86 -5.24
CA SER A 680 7.15 -21.76 -5.03
C SER A 680 7.69 -20.48 -5.65
N SER A 681 8.80 -19.99 -5.09
CA SER A 681 9.45 -18.77 -5.59
C SER A 681 10.93 -18.90 -5.25
N ASN A 682 11.76 -19.11 -6.27
CA ASN A 682 13.21 -19.28 -6.09
C ASN A 682 13.53 -20.45 -5.16
N HIS A 683 12.88 -21.59 -5.44
CA HIS A 683 13.15 -22.85 -4.72
C HIS A 683 12.81 -22.74 -3.24
N LYS A 684 11.84 -21.89 -2.89
CA LYS A 684 11.37 -21.77 -1.52
C LYS A 684 9.86 -21.72 -1.53
N LEU A 685 9.23 -22.62 -0.79
CA LEU A 685 7.78 -22.68 -0.76
C LEU A 685 7.19 -21.46 -0.07
N VAL A 686 6.06 -20.99 -0.56
CA VAL A 686 5.35 -19.88 0.04
C VAL A 686 3.91 -20.31 0.28
N PHE A 687 3.40 -20.02 1.47
CA PHE A 687 2.04 -20.38 1.87
C PHE A 687 1.24 -19.08 1.99
N SER A 688 0.37 -18.84 1.02
CA SER A 688 -0.39 -17.60 0.94
C SER A 688 -1.85 -17.86 1.28
N ASN A 689 -2.40 -17.06 2.17
CA ASN A 689 -3.80 -17.18 2.53
C ASN A 689 -4.70 -16.67 1.41
N VAL A 690 -5.75 -17.41 1.11
CA VAL A 690 -6.73 -17.00 0.12
C VAL A 690 -7.77 -16.12 0.79
N ASN A 691 -8.08 -14.99 0.18
CA ASN A 691 -9.04 -14.05 0.74
C ASN A 691 -10.46 -14.61 0.66
N LEU A 692 -10.72 -15.67 1.41
CA LEU A 692 -12.02 -16.32 1.44
C LEU A 692 -12.20 -16.97 2.80
N LYS A 693 -13.45 -17.28 3.13
CA LYS A 693 -13.79 -17.90 4.40
C LYS A 693 -14.27 -19.33 4.16
N GLU A 694 -13.47 -20.30 4.60
CA GLU A 694 -13.87 -21.70 4.69
C GLU A 694 -14.13 -22.31 3.31
N VAL A 695 -13.20 -23.12 2.84
CA VAL A 695 -13.33 -23.88 1.60
C VAL A 695 -13.12 -25.34 1.95
N ASN A 696 -14.19 -26.12 1.93
CA ASN A 696 -14.08 -27.52 2.37
C ASN A 696 -13.54 -28.42 1.27
N TYR A 697 -13.97 -28.20 0.03
CA TYR A 697 -13.52 -29.02 -1.09
C TYR A 697 -13.29 -28.13 -2.30
N MET A 698 -12.37 -28.58 -3.16
CA MET A 698 -11.96 -27.79 -4.30
C MET A 698 -11.42 -28.72 -5.38
N CYS A 699 -11.57 -28.31 -6.62
CA CYS A 699 -10.99 -29.00 -7.76
C CYS A 699 -10.68 -27.98 -8.84
N PRO A 700 -9.67 -28.22 -9.66
CA PRO A 700 -9.45 -27.35 -10.83
C PRO A 700 -10.53 -27.57 -11.87
N LEU A 701 -10.73 -26.54 -12.69
CA LEU A 701 -11.77 -26.58 -13.72
C LEU A 701 -11.31 -25.77 -14.92
N ASN A 702 -11.10 -26.44 -16.05
CA ASN A 702 -10.66 -25.80 -17.29
C ASN A 702 -11.73 -26.05 -18.34
N SER A 703 -12.78 -25.23 -18.31
CA SER A 703 -13.88 -25.33 -19.25
C SER A 703 -13.80 -24.23 -20.31
N ASP A 704 -14.63 -24.36 -21.34
CA ASP A 704 -14.62 -23.36 -22.40
C ASP A 704 -15.21 -22.04 -21.94
N GLY A 705 -16.09 -22.06 -20.93
CA GLY A 705 -16.63 -20.85 -20.37
C GLY A 705 -15.88 -20.38 -19.14
N TYR A 706 -15.13 -21.28 -18.52
CA TYR A 706 -14.33 -20.97 -17.33
C TYR A 706 -12.96 -21.59 -17.51
N PRO A 707 -12.11 -21.00 -18.34
CA PRO A 707 -10.78 -21.58 -18.59
C PRO A 707 -9.80 -21.26 -17.47
N ASP A 708 -8.97 -22.26 -17.14
CA ASP A 708 -7.93 -22.13 -16.12
C ASP A 708 -8.49 -21.60 -14.81
N SER A 709 -9.66 -22.11 -14.43
CA SER A 709 -10.37 -21.67 -13.25
C SER A 709 -10.32 -22.75 -12.18
N LEU A 710 -10.99 -22.47 -11.06
CA LEU A 710 -11.12 -23.41 -9.96
C LEU A 710 -12.59 -23.52 -9.59
N ALA A 711 -12.95 -24.66 -9.04
CA ALA A 711 -14.29 -24.88 -8.49
C ALA A 711 -14.16 -25.06 -6.99
N LEU A 712 -14.78 -24.16 -6.23
CA LEU A 712 -14.72 -24.16 -4.78
C LEU A 712 -16.10 -24.44 -4.21
N ALA A 713 -16.13 -25.28 -3.17
CA ALA A 713 -17.38 -25.68 -2.54
C ALA A 713 -17.31 -25.37 -1.05
N ASN A 714 -18.36 -24.73 -0.53
CA ASN A 714 -18.47 -24.45 0.88
C ASN A 714 -19.63 -25.27 1.45
N ASN A 715 -20.14 -24.86 2.62
CA ASN A 715 -21.24 -25.56 3.25
C ASN A 715 -22.59 -25.24 2.62
N SER A 716 -22.65 -24.25 1.75
CA SER A 716 -23.93 -23.81 1.20
C SER A 716 -23.91 -23.66 -0.32
N THR A 717 -22.84 -23.13 -0.89
CA THR A 717 -22.80 -22.79 -2.30
C THR A 717 -21.61 -23.47 -2.98
N LEU A 718 -21.72 -23.57 -4.31
CA LEU A 718 -20.62 -23.98 -5.17
C LEU A 718 -20.16 -22.77 -5.97
N THR A 719 -18.84 -22.60 -6.05
CA THR A 719 -18.26 -21.38 -6.60
C THR A 719 -17.26 -21.74 -7.70
N ILE A 720 -17.32 -21.03 -8.81
CA ILE A 720 -16.35 -21.15 -9.90
C ILE A 720 -15.70 -19.79 -10.10
N GLY A 721 -14.37 -19.78 -10.16
CA GLY A 721 -13.65 -18.53 -10.34
C GLY A 721 -12.20 -18.78 -10.65
N THR A 722 -11.51 -17.70 -11.01
CA THR A 722 -10.07 -17.73 -11.26
C THR A 722 -9.34 -17.13 -10.07
N ILE A 723 -8.07 -17.52 -9.94
CA ILE A 723 -7.26 -17.14 -8.79
C ILE A 723 -6.03 -16.36 -9.26
N ASP A 724 -5.60 -15.42 -8.42
CA ASP A 724 -4.43 -14.61 -8.72
C ASP A 724 -3.16 -15.47 -8.71
N GLU A 725 -2.13 -14.97 -9.37
CA GLU A 725 -0.88 -15.73 -9.49
C GLU A 725 -0.06 -15.69 -8.21
N ILE A 726 0.13 -14.49 -7.64
CA ILE A 726 1.06 -14.30 -6.53
C ILE A 726 0.36 -13.54 -5.42
N GLN A 727 0.98 -13.55 -4.25
CA GLN A 727 0.47 -12.86 -3.07
C GLN A 727 0.75 -11.36 -3.18
N LYS A 728 -0.21 -10.56 -2.75
CA LYS A 728 -0.05 -9.11 -2.75
C LYS A 728 -0.86 -8.50 -1.61
N LEU A 729 -0.69 -7.19 -1.43
CA LEU A 729 -1.46 -6.45 -0.45
C LEU A 729 -2.81 -6.07 -1.05
N HIS A 730 -3.89 -6.45 -0.38
CA HIS A 730 -5.24 -6.08 -0.77
C HIS A 730 -5.76 -5.02 0.18
N ILE A 731 -6.46 -4.03 -0.36
CA ILE A 731 -6.88 -2.84 0.38
C ILE A 731 -8.38 -2.70 0.32
N ARG A 732 -9.01 -2.64 1.49
CA ARG A 732 -10.41 -2.29 1.62
C ARG A 732 -10.53 -0.86 2.15
N THR A 733 -11.52 -0.13 1.65
CA THR A 733 -11.69 1.28 1.96
C THR A 733 -12.99 1.50 2.70
N VAL A 734 -12.92 2.25 3.78
CA VAL A 734 -14.09 2.64 4.57
C VAL A 734 -14.17 4.16 4.59
N PRO A 735 -14.97 4.76 3.70
CA PRO A 735 -15.01 6.23 3.63
C PRO A 735 -15.62 6.83 4.88
N LEU A 736 -14.98 7.88 5.39
CA LEU A 736 -15.48 8.61 6.54
C LEU A 736 -15.99 10.00 6.20
N TYR A 737 -15.53 10.59 5.10
CA TYR A 737 -15.93 11.94 4.64
C TYR A 737 -15.55 13.02 5.64
N GLU A 738 -14.62 12.71 6.55
CA GLU A 738 -13.99 13.68 7.42
C GLU A 738 -12.60 13.17 7.74
N SER A 739 -11.80 13.99 8.42
CA SER A 739 -10.40 13.68 8.66
C SER A 739 -10.20 12.78 9.87
N PRO A 740 -9.76 11.53 9.68
CA PRO A 740 -9.35 10.72 10.83
C PRO A 740 -7.98 11.15 11.32
N ARG A 741 -7.76 11.00 12.63
CA ARG A 741 -6.58 11.54 13.30
C ARG A 741 -5.80 10.49 14.07
N LYS A 742 -6.48 9.62 14.83
CA LYS A 742 -5.83 8.58 15.61
C LYS A 742 -6.74 7.36 15.64
N ILE A 743 -6.12 6.20 15.85
CA ILE A 743 -6.86 4.94 15.88
C ILE A 743 -6.24 4.04 16.94
N CYS A 744 -7.09 3.34 17.69
CA CYS A 744 -6.66 2.36 18.66
CA CYS A 744 -6.64 2.35 18.64
C CYS A 744 -7.66 1.21 18.66
N TYR A 745 -7.16 -0.01 18.84
CA TYR A 745 -8.01 -1.19 18.83
C TYR A 745 -8.34 -1.62 20.26
N GLN A 746 -9.60 -1.99 20.48
CA GLN A 746 -10.08 -2.45 21.79
C GLN A 746 -10.71 -3.83 21.60
N GLU A 747 -9.94 -4.89 21.88
CA GLU A 747 -10.40 -6.24 21.60
C GLU A 747 -11.64 -6.60 22.43
N VAL A 748 -11.67 -6.21 23.70
CA VAL A 748 -12.76 -6.61 24.58
C VAL A 748 -14.11 -6.05 24.11
N SER A 749 -14.10 -4.98 23.33
CA SER A 749 -15.30 -4.41 22.74
C SER A 749 -15.48 -4.77 21.28
N GLN A 750 -14.50 -5.45 20.68
CA GLN A 750 -14.55 -5.85 19.27
C GLN A 750 -14.76 -4.63 18.36
N CYS A 751 -14.06 -3.54 18.67
CA CYS A 751 -14.27 -2.28 17.96
C CYS A 751 -12.98 -1.48 17.93
N PHE A 752 -12.95 -0.51 17.04
CA PHE A 752 -11.87 0.47 16.95
C PHE A 752 -12.38 1.80 17.50
N GLY A 753 -11.46 2.55 18.13
CA GLY A 753 -11.70 3.92 18.51
C GLY A 753 -10.91 4.83 17.57
N VAL A 754 -11.60 5.83 17.02
CA VAL A 754 -11.02 6.70 16.01
C VAL A 754 -11.34 8.14 16.38
N LEU A 755 -10.30 8.96 16.53
CA LEU A 755 -10.46 10.40 16.65
C LEU A 755 -10.61 11.00 15.26
N SER A 756 -11.62 11.84 15.08
CA SER A 756 -11.88 12.43 13.77
C SER A 756 -12.20 13.90 13.93
N SER A 757 -12.02 14.64 12.84
CA SER A 757 -12.26 16.07 12.81
C SER A 757 -12.99 16.42 11.53
N ARG A 758 -14.01 17.27 11.65
CA ARG A 758 -14.76 17.75 10.49
C ARG A 758 -14.78 19.26 10.49
N ILE A 759 -14.83 19.85 9.29
CA ILE A 759 -14.80 21.29 9.12
C ILE A 759 -16.23 21.81 9.11
N GLU A 760 -16.47 22.89 9.84
CA GLU A 760 -17.75 23.58 9.84
C GLU A 760 -17.51 25.06 9.61
N VAL A 761 -18.48 25.71 8.96
CA VAL A 761 -18.39 27.12 8.61
C VAL A 761 -19.53 27.86 9.26
N GLN A 762 -19.26 29.07 9.76
CA GLN A 762 -20.29 29.89 10.36
C GLN A 762 -21.34 30.29 9.32
N ASP A 763 -22.60 29.96 9.59
CA ASP A 763 -23.70 30.31 8.71
C ASP A 763 -24.20 31.72 9.03
N THR A 764 -25.49 31.84 9.33
CA THR A 764 -26.08 33.11 9.75
C THR A 764 -26.91 33.00 11.01
N SER A 765 -27.07 31.79 11.56
CA SER A 765 -27.84 31.57 12.77
C SER A 765 -27.00 31.69 14.04
N GLY A 766 -25.85 32.34 13.97
CA GLY A 766 -24.98 32.43 15.12
C GLY A 766 -24.36 31.11 15.52
N GLY A 767 -24.12 30.21 14.56
CA GLY A 767 -23.53 28.93 14.85
C GLY A 767 -22.67 28.42 13.71
N THR A 768 -22.34 27.14 13.71
CA THR A 768 -21.56 26.53 12.65
C THR A 768 -22.34 25.38 12.03
N THR A 769 -22.27 25.27 10.70
CA THR A 769 -22.96 24.24 9.96
C THR A 769 -21.96 23.38 9.18
N ALA A 770 -22.28 22.11 9.04
CA ALA A 770 -21.42 21.19 8.29
C ALA A 770 -21.65 21.34 6.80
N LEU A 771 -20.59 21.05 6.03
CA LEU A 771 -20.64 21.15 4.58
C LEU A 771 -21.17 19.89 3.91
N ARG A 772 -21.23 18.78 4.63
CA ARG A 772 -21.64 17.50 4.06
C ARG A 772 -21.87 16.52 5.21
N PRO A 773 -22.65 15.47 4.99
CA PRO A 773 -22.72 14.39 5.98
C PRO A 773 -21.40 13.65 6.06
N SER A 774 -21.04 13.21 7.26
CA SER A 774 -19.80 12.48 7.47
C SER A 774 -20.02 11.47 8.61
N ALA A 775 -18.94 10.76 8.95
CA ALA A 775 -19.04 9.67 9.91
C ALA A 775 -19.53 10.17 11.27
N SER A 776 -19.05 11.34 11.70
CA SER A 776 -19.43 11.85 13.02
C SER A 776 -20.87 12.34 13.08
N THR A 777 -21.51 12.59 11.93
CA THR A 777 -22.89 13.05 11.90
C THR A 777 -23.86 11.97 11.43
N GLN A 778 -23.40 10.76 11.12
CA GLN A 778 -24.25 9.70 10.63
C GLN A 778 -24.09 8.41 11.42
N ALA A 779 -23.63 8.50 12.68
CA ALA A 779 -23.45 7.30 13.49
C ALA A 779 -24.79 6.76 13.96
N LEU A 780 -24.80 5.48 14.33
CA LEU A 780 -26.03 4.85 14.79
C LEU A 780 -26.55 5.53 16.06
N SER A 781 -25.66 5.83 17.00
CA SER A 781 -25.99 6.62 18.17
C SER A 781 -24.93 7.70 18.34
N SER A 782 -25.26 8.72 19.12
CA SER A 782 -24.38 9.87 19.25
C SER A 782 -24.54 10.49 20.64
N SER A 783 -23.49 11.17 21.08
CA SER A 783 -23.50 11.89 22.34
C SER A 783 -22.67 13.15 22.17
N VAL A 784 -22.91 14.10 23.07
CA VAL A 784 -22.20 15.38 23.10
C VAL A 784 -21.62 15.56 24.50
N SER A 785 -20.45 16.19 24.56
CA SER A 785 -19.80 16.44 25.84
C SER A 785 -20.65 17.37 26.71
N SER A 786 -20.85 16.97 27.96
CA SER A 786 -21.59 17.76 28.94
C SER A 786 -20.66 18.42 29.96
N SER A 787 -19.36 18.49 29.66
CA SER A 787 -18.40 19.07 30.59
C SER A 787 -18.64 20.57 30.74
N LYS A 788 -18.55 21.06 31.98
CA LYS A 788 -18.67 22.47 32.28
C LYS A 788 -17.34 23.08 32.71
N LEU A 789 -16.23 22.44 32.36
CA LEU A 789 -14.92 22.86 32.87
C LEU A 789 -14.51 24.24 32.35
N PHE A 790 -14.89 24.59 31.12
CA PHE A 790 -14.49 25.85 30.52
C PHE A 790 -15.72 26.69 30.17
N SER A 791 -16.67 26.75 31.10
CA SER A 791 -17.92 27.48 30.84
C SER A 791 -17.95 28.82 31.56
N SER A 792 -18.07 28.79 32.89
CA SER A 792 -18.23 30.02 33.64
C SER A 792 -16.90 30.77 33.75
N SER A 793 -17.02 32.08 33.99
CA SER A 793 -15.87 32.98 34.16
C SER A 793 -14.92 32.94 32.96
N THR A 794 -15.47 32.71 31.76
CA THR A 794 -14.67 32.58 30.55
C THR A 794 -15.24 33.49 29.47
N ALA A 795 -14.35 34.15 28.72
CA ALA A 795 -14.84 35.01 27.65
C ALA A 795 -15.03 34.21 26.37
N PRO A 796 -16.05 34.55 25.57
CA PRO A 796 -16.31 33.80 24.34
C PRO A 796 -15.24 34.03 23.29
N HIS A 797 -15.24 33.15 22.29
CA HIS A 797 -14.38 33.26 21.11
C HIS A 797 -15.28 33.29 19.88
N GLU A 798 -15.98 34.40 19.69
CA GLU A 798 -16.86 34.53 18.53
C GLU A 798 -16.07 34.46 17.24
N THR A 799 -16.73 34.02 16.18
CA THR A 799 -16.14 33.91 14.86
C THR A 799 -16.90 34.82 13.90
N SER A 800 -16.41 34.90 12.67
CA SER A 800 -16.99 35.76 11.65
C SER A 800 -17.56 34.93 10.51
N PHE A 801 -18.25 35.62 9.60
CA PHE A 801 -18.86 34.94 8.46
C PHE A 801 -17.79 34.27 7.61
N GLY A 802 -18.08 33.04 7.18
CA GLY A 802 -17.17 32.29 6.35
C GLY A 802 -15.98 31.69 7.07
N GLU A 803 -15.83 31.94 8.37
CA GLU A 803 -14.71 31.38 9.11
C GLU A 803 -14.96 29.92 9.43
N GLU A 804 -13.95 29.08 9.22
CA GLU A 804 -14.05 27.65 9.43
C GLU A 804 -13.58 27.27 10.82
N VAL A 805 -14.21 26.26 11.40
CA VAL A 805 -13.82 25.70 12.70
C VAL A 805 -13.76 24.19 12.57
N GLU A 806 -12.99 23.57 13.46
CA GLU A 806 -12.85 22.12 13.51
C GLU A 806 -13.71 21.58 14.65
N VAL A 807 -14.50 20.56 14.35
CA VAL A 807 -15.32 19.88 15.34
C VAL A 807 -14.77 18.46 15.48
N HIS A 808 -14.26 18.13 16.66
CA HIS A 808 -13.60 16.86 16.90
C HIS A 808 -14.55 15.86 17.54
N ASN A 809 -14.37 14.59 17.19
CA ASN A 809 -15.24 13.51 17.65
C ASN A 809 -14.39 12.28 17.94
N LEU A 810 -14.94 11.41 18.80
CA LEU A 810 -14.41 10.07 19.02
C LEU A 810 -15.40 9.09 18.43
N LEU A 811 -14.98 8.37 17.39
CA LEU A 811 -15.83 7.41 16.72
C LEU A 811 -15.57 6.02 17.26
N ILE A 812 -16.65 5.24 17.41
CA ILE A 812 -16.55 3.82 17.76
C ILE A 812 -16.95 3.04 16.52
N ILE A 813 -16.00 2.28 15.97
CA ILE A 813 -16.14 1.58 14.70
C ILE A 813 -16.12 0.08 14.95
N ASP A 814 -17.19 -0.60 14.54
CA ASP A 814 -17.24 -2.06 14.64
C ASP A 814 -16.11 -2.71 13.84
N GLN A 815 -15.52 -3.76 14.41
CA GLN A 815 -14.34 -4.35 13.78
C GLN A 815 -14.69 -5.25 12.59
N HIS A 816 -15.94 -5.68 12.46
CA HIS A 816 -16.36 -6.59 11.39
C HIS A 816 -17.01 -5.84 10.23
N THR A 817 -18.07 -5.08 10.51
CA THR A 817 -18.78 -4.34 9.47
C THR A 817 -18.19 -2.95 9.23
N PHE A 818 -17.40 -2.45 10.17
CA PHE A 818 -16.78 -1.12 10.08
C PHE A 818 -17.81 -0.01 9.98
N GLU A 819 -18.97 -0.20 10.58
CA GLU A 819 -19.95 0.88 10.70
C GLU A 819 -19.64 1.73 11.92
N VAL A 820 -20.06 2.99 11.87
CA VAL A 820 -19.84 3.93 12.97
C VAL A 820 -20.91 3.66 14.02
N LEU A 821 -20.56 2.89 15.06
CA LEU A 821 -21.54 2.54 16.08
C LEU A 821 -21.91 3.75 16.93
N HIS A 822 -20.93 4.57 17.30
CA HIS A 822 -21.18 5.71 18.16
C HIS A 822 -20.23 6.85 17.79
N ALA A 823 -20.68 8.08 18.01
CA ALA A 823 -19.86 9.27 17.81
C ALA A 823 -20.07 10.20 18.98
N HIS A 824 -19.01 10.50 19.71
CA HIS A 824 -19.04 11.43 20.84
C HIS A 824 -18.36 12.72 20.42
N GLN A 825 -19.09 13.83 20.49
CA GLN A 825 -18.58 15.12 20.06
C GLN A 825 -18.01 15.87 21.25
N PHE A 826 -16.78 16.35 21.11
CA PHE A 826 -16.12 17.07 22.19
C PHE A 826 -16.62 18.51 22.25
N LEU A 827 -16.12 19.26 23.22
CA LEU A 827 -16.56 20.63 23.40
C LEU A 827 -16.13 21.49 22.21
N GLN A 828 -16.85 22.60 22.04
CA GLN A 828 -16.51 23.57 21.01
C GLN A 828 -15.09 24.08 21.21
N ASN A 829 -14.31 24.10 20.13
CA ASN A 829 -12.90 24.48 20.10
C ASN A 829 -11.98 23.49 20.80
N GLU A 830 -12.50 22.34 21.22
CA GLU A 830 -11.69 21.30 21.83
C GLU A 830 -11.13 20.37 20.75
N TYR A 831 -9.80 20.23 20.73
CA TYR A 831 -9.10 19.40 19.75
C TYR A 831 -8.64 18.12 20.43
N ALA A 832 -9.10 16.97 19.92
CA ALA A 832 -8.62 15.69 20.42
C ALA A 832 -7.26 15.38 19.80
N LEU A 833 -6.25 15.23 20.64
CA LEU A 833 -4.87 15.04 20.20
C LEU A 833 -4.35 13.62 20.41
N SER A 834 -4.69 12.99 21.53
CA SER A 834 -4.13 11.68 21.86
C SER A 834 -5.24 10.71 22.19
N LEU A 835 -5.00 9.43 21.90
CA LEU A 835 -5.97 8.38 22.12
C LEU A 835 -5.24 7.11 22.53
N VAL A 836 -5.79 6.42 23.52
CA VAL A 836 -5.24 5.15 23.98
C VAL A 836 -6.38 4.31 24.52
N SER A 837 -6.25 2.99 24.37
CA SER A 837 -7.20 2.01 24.90
C SER A 837 -6.44 1.08 25.83
N CYS A 838 -6.81 1.07 27.11
CA CYS A 838 -6.02 0.37 28.10
C CYS A 838 -6.85 0.17 29.36
N LYS A 839 -6.36 -0.72 30.22
CA LYS A 839 -6.79 -0.84 31.60
C LYS A 839 -5.83 -0.06 32.49
N LEU A 840 -6.31 0.33 33.66
CA LEU A 840 -5.52 1.11 34.60
C LEU A 840 -5.71 0.59 36.02
N GLY A 841 -4.62 0.52 36.77
CA GLY A 841 -4.68 0.09 38.16
C GLY A 841 -5.31 -1.28 38.31
N LYS A 842 -6.11 -1.44 39.36
CA LYS A 842 -6.85 -2.67 39.61
C LYS A 842 -8.23 -2.66 38.97
N ASP A 843 -8.54 -1.64 38.19
CA ASP A 843 -9.84 -1.55 37.52
C ASP A 843 -9.90 -2.55 36.37
N PRO A 844 -10.81 -3.54 36.42
CA PRO A 844 -10.87 -4.54 35.33
C PRO A 844 -11.52 -4.05 34.05
N ASN A 845 -12.04 -2.82 34.01
CA ASN A 845 -12.65 -2.31 32.79
C ASN A 845 -11.57 -1.79 31.84
N THR A 846 -11.84 -1.88 30.55
CA THR A 846 -10.99 -1.31 29.52
C THR A 846 -11.63 -0.02 29.01
N TYR A 847 -10.84 1.04 28.95
CA TYR A 847 -11.36 2.37 28.66
C TYR A 847 -10.73 2.94 27.39
N PHE A 848 -11.47 3.83 26.74
CA PHE A 848 -10.92 4.74 25.75
C PHE A 848 -10.54 6.04 26.47
N ILE A 849 -9.28 6.42 26.40
CA ILE A 849 -8.79 7.63 27.05
C ILE A 849 -8.35 8.62 25.98
N VAL A 850 -8.80 9.86 26.09
CA VAL A 850 -8.55 10.89 25.10
C VAL A 850 -7.90 12.09 25.76
N GLY A 851 -6.80 12.57 25.18
CA GLY A 851 -6.18 13.82 25.60
C GLY A 851 -6.54 14.92 24.63
N THR A 852 -6.95 16.06 25.18
CA THR A 852 -7.48 17.15 24.36
C THR A 852 -6.73 18.44 24.65
N ALA A 853 -7.14 19.50 23.95
CA ALA A 853 -6.60 20.83 24.13
C ALA A 853 -7.62 21.84 23.60
N MET A 854 -7.80 22.93 24.34
CA MET A 854 -8.59 24.07 23.86
C MET A 854 -7.75 24.86 22.88
N VAL A 855 -8.17 24.88 21.62
CA VAL A 855 -7.39 25.52 20.54
C VAL A 855 -8.22 26.67 19.98
N TYR A 856 -7.73 27.87 20.13
CA TYR A 856 -8.36 29.08 19.63
C TYR A 856 -7.51 29.72 18.54
N PRO A 857 -8.12 30.50 17.65
CA PRO A 857 -7.38 31.03 16.49
C PRO A 857 -6.22 31.93 16.90
N GLU A 858 -5.09 31.76 16.21
CA GLU A 858 -3.94 32.66 16.29
C GLU A 858 -3.43 32.81 17.73
N GLU A 859 -3.23 31.68 18.39
CA GLU A 859 -2.74 31.64 19.76
C GLU A 859 -1.49 30.80 19.83
N ALA A 860 -0.75 30.96 20.94
CA ALA A 860 0.47 30.19 21.15
C ALA A 860 0.13 28.77 21.58
N GLU A 861 0.91 28.23 22.51
CA GLU A 861 0.63 26.90 23.02
C GLU A 861 -0.68 26.91 23.79
N PRO A 862 -1.51 25.88 23.64
CA PRO A 862 -2.78 25.84 24.38
C PRO A 862 -2.54 25.93 25.89
N LYS A 863 -3.45 26.61 26.57
CA LYS A 863 -3.34 26.81 28.00
C LYS A 863 -4.25 25.90 28.81
N GLN A 864 -5.25 25.28 28.18
CA GLN A 864 -6.17 24.38 28.86
C GLN A 864 -6.36 23.12 28.04
N GLY A 865 -6.64 22.03 28.73
CA GLY A 865 -6.90 20.76 28.09
C GLY A 865 -7.62 19.83 29.04
N ARG A 866 -7.93 18.63 28.55
CA ARG A 866 -8.67 17.65 29.31
C ARG A 866 -8.11 16.26 29.05
N ILE A 867 -8.22 15.40 30.06
CA ILE A 867 -8.04 13.97 29.91
C ILE A 867 -9.36 13.33 30.26
N VAL A 868 -10.00 12.69 29.28
CA VAL A 868 -11.34 12.12 29.44
C VAL A 868 -11.24 10.61 29.35
N VAL A 869 -11.87 9.92 30.30
CA VAL A 869 -11.90 8.46 30.34
C VAL A 869 -13.31 8.03 29.93
N PHE A 870 -13.41 7.32 28.80
CA PHE A 870 -14.66 6.81 28.29
C PHE A 870 -14.72 5.30 28.45
N GLN A 871 -15.94 4.78 28.61
CA GLN A 871 -16.18 3.35 28.58
C GLN A 871 -17.28 3.06 27.57
N TYR A 872 -17.01 2.14 26.65
CA TYR A 872 -17.99 1.73 25.65
C TYR A 872 -18.77 0.54 26.20
N SER A 873 -20.07 0.74 26.47
CA SER A 873 -20.91 -0.31 27.02
C SER A 873 -22.32 -0.15 26.47
N ASP A 874 -22.90 -1.26 26.00
CA ASP A 874 -24.26 -1.29 25.47
C ASP A 874 -24.44 -0.32 24.31
N GLY A 875 -23.44 -0.27 23.42
CA GLY A 875 -23.55 0.55 22.23
C GLY A 875 -23.48 2.05 22.46
N LYS A 876 -23.12 2.48 23.66
CA LYS A 876 -23.02 3.90 23.98
C LYS A 876 -21.73 4.18 24.72
N LEU A 877 -21.18 5.38 24.51
CA LEU A 877 -19.97 5.83 25.20
C LEU A 877 -20.39 6.52 26.49
N GLN A 878 -20.01 5.93 27.62
CA GLN A 878 -20.26 6.52 28.93
C GLN A 878 -19.00 7.23 29.40
N THR A 879 -19.14 8.48 29.83
CA THR A 879 -18.01 9.23 30.38
C THR A 879 -17.78 8.77 31.81
N VAL A 880 -16.57 8.27 32.08
CA VAL A 880 -16.26 7.73 33.41
C VAL A 880 -15.59 8.77 34.30
N ALA A 881 -14.62 9.50 33.77
CA ALA A 881 -13.94 10.52 34.54
C ALA A 881 -13.35 11.54 33.59
N GLU A 882 -13.12 12.75 34.11
CA GLU A 882 -12.43 13.79 33.38
C GLU A 882 -11.42 14.44 34.32
N LYS A 883 -10.36 15.00 33.74
CA LYS A 883 -9.32 15.67 34.51
C LYS A 883 -8.88 16.92 33.77
N GLU A 884 -9.13 18.08 34.36
CA GLU A 884 -8.68 19.33 33.78
C GLU A 884 -7.15 19.41 33.81
N VAL A 885 -6.59 19.94 32.73
CA VAL A 885 -5.15 20.01 32.55
C VAL A 885 -4.81 21.41 32.05
N LYS A 886 -3.66 21.93 32.48
CA LYS A 886 -3.22 23.27 32.08
C LYS A 886 -2.27 23.18 30.89
N GLY A 887 -2.79 22.65 29.78
CA GLY A 887 -2.02 22.56 28.57
C GLY A 887 -2.58 21.52 27.63
N ALA A 888 -1.87 21.32 26.53
CA ALA A 888 -2.26 20.36 25.51
C ALA A 888 -1.72 18.97 25.83
N VAL A 889 -2.58 17.96 25.74
CA VAL A 889 -2.18 16.58 25.99
C VAL A 889 -1.74 16.01 24.64
N TYR A 890 -0.44 16.15 24.35
CA TYR A 890 0.06 15.80 23.02
C TYR A 890 0.05 14.29 22.78
N SER A 891 0.32 13.51 23.83
CA SER A 891 0.37 12.06 23.67
C SER A 891 0.16 11.39 25.01
N MET A 892 -0.33 10.16 24.97
CA MET A 892 -0.57 9.34 26.14
C MET A 892 -0.24 7.89 25.82
N VAL A 893 0.34 7.20 26.80
N VAL A 893 0.36 7.21 26.79
CA VAL A 893 0.63 5.79 26.67
CA VAL A 893 0.67 5.78 26.67
C VAL A 893 0.40 5.14 28.03
C VAL A 893 0.42 5.14 28.03
N GLU A 894 -0.10 3.91 28.01
CA GLU A 894 -0.25 3.14 29.24
C GLU A 894 1.12 2.70 29.72
N PHE A 895 1.42 2.96 30.99
CA PHE A 895 2.74 2.70 31.56
C PHE A 895 2.56 1.90 32.85
N ASN A 896 2.57 0.57 32.71
CA ASN A 896 2.56 -0.36 33.84
C ASN A 896 1.38 -0.09 34.78
N GLY A 897 0.17 -0.09 34.20
CA GLY A 897 -1.02 0.15 34.98
C GLY A 897 -1.28 1.59 35.33
N LYS A 898 -0.46 2.51 34.85
CA LYS A 898 -0.62 3.94 35.08
C LYS A 898 -0.73 4.66 33.74
N LEU A 899 -1.17 5.91 33.80
CA LEU A 899 -1.34 6.74 32.62
C LEU A 899 -0.19 7.74 32.53
N LEU A 900 0.62 7.61 31.49
CA LEU A 900 1.70 8.55 31.22
C LEU A 900 1.22 9.52 30.16
N ALA A 901 1.29 10.81 30.46
CA ALA A 901 0.77 11.84 29.56
C ALA A 901 1.80 12.93 29.36
N SER A 902 1.90 13.42 28.13
CA SER A 902 2.70 14.58 27.80
C SER A 902 1.78 15.80 27.75
N ILE A 903 2.09 16.81 28.55
CA ILE A 903 1.30 18.03 28.63
C ILE A 903 2.24 19.21 28.43
N ASN A 904 2.08 19.90 27.30
CA ASN A 904 2.92 21.04 26.94
C ASN A 904 4.40 20.70 27.05
N SER A 905 5.06 21.20 28.09
CA SER A 905 6.46 20.93 28.33
C SER A 905 6.67 20.05 29.56
N THR A 906 5.68 19.20 29.86
CA THR A 906 5.71 18.38 31.05
C THR A 906 5.35 16.95 30.69
N VAL A 907 6.07 16.00 31.31
CA VAL A 907 5.72 14.59 31.25
C VAL A 907 5.17 14.20 32.62
N ARG A 908 3.91 13.77 32.64
CA ARG A 908 3.19 13.54 33.89
C ARG A 908 2.74 12.09 33.97
N LEU A 909 2.85 11.52 35.17
CA LEU A 909 2.41 10.17 35.45
C LEU A 909 1.18 10.22 36.34
N TYR A 910 0.10 9.58 35.90
CA TYR A 910 -1.15 9.56 36.65
C TYR A 910 -1.43 8.17 37.18
N GLU A 911 -2.09 8.11 38.34
CA GLU A 911 -2.60 6.87 38.89
C GLU A 911 -4.12 6.85 38.84
N TRP A 912 -4.68 5.66 38.61
CA TRP A 912 -6.12 5.45 38.56
C TRP A 912 -6.58 4.97 39.94
N THR A 913 -7.19 5.87 40.70
CA THR A 913 -7.62 5.53 42.05
C THR A 913 -8.86 4.63 42.01
N THR A 914 -9.17 4.06 43.18
CA THR A 914 -10.34 3.19 43.29
C THR A 914 -11.65 3.95 43.13
N GLU A 915 -11.63 5.27 43.34
N GLU A 915 -11.63 5.27 43.34
CA GLU A 915 -12.80 6.12 43.14
CA GLU A 915 -12.81 6.10 43.13
C GLU A 915 -12.96 6.55 41.68
C GLU A 915 -12.97 6.54 41.67
N LYS A 916 -12.27 5.87 40.75
CA LYS A 916 -12.34 6.17 39.32
C LYS A 916 -11.94 7.62 39.03
N GLU A 917 -10.79 8.03 39.55
CA GLU A 917 -10.25 9.35 39.31
C GLU A 917 -8.76 9.26 39.02
N LEU A 918 -8.26 10.20 38.23
CA LEU A 918 -6.84 10.27 37.92
C LEU A 918 -6.13 11.16 38.94
N ARG A 919 -5.10 10.62 39.58
CA ARG A 919 -4.33 11.33 40.58
C ARG A 919 -2.88 11.41 40.13
N THR A 920 -2.28 12.60 40.24
CA THR A 920 -0.91 12.81 39.80
C THR A 920 0.07 12.20 40.80
N GLU A 921 0.96 11.33 40.31
CA GLU A 921 2.04 10.77 41.11
C GLU A 921 3.36 11.47 40.83
N CYS A 922 3.68 11.66 39.56
CA CYS A 922 4.97 12.16 39.11
C CYS A 922 4.77 13.35 38.19
N ASN A 923 5.70 14.29 38.27
CA ASN A 923 5.72 15.46 37.40
C ASN A 923 7.15 15.73 37.00
N HIS A 924 7.50 15.43 35.76
CA HIS A 924 8.85 15.66 35.24
C HIS A 924 8.82 16.96 34.46
N TYR A 925 9.21 18.05 35.14
CA TYR A 925 9.25 19.38 34.53
C TYR A 925 10.60 19.56 33.84
N ASN A 926 10.59 19.52 32.51
CA ASN A 926 11.77 19.80 31.71
C ASN A 926 11.37 20.77 30.61
N ASN A 927 12.33 21.10 29.74
CA ASN A 927 12.08 22.04 28.66
C ASN A 927 11.65 21.36 27.37
N ILE A 928 11.47 20.04 27.37
CA ILE A 928 11.12 19.36 26.13
C ILE A 928 9.64 19.51 25.83
N MET A 929 9.30 19.40 24.55
CA MET A 929 7.92 19.34 24.08
C MET A 929 7.72 17.93 23.55
N ALA A 930 7.33 17.02 24.44
CA ALA A 930 7.20 15.61 24.08
C ALA A 930 6.01 15.37 23.16
N LEU A 931 6.21 15.55 21.85
CA LEU A 931 5.13 15.31 20.90
C LEU A 931 4.92 13.82 20.64
N TYR A 932 5.94 13.00 20.85
CA TYR A 932 5.89 11.57 20.54
C TYR A 932 6.42 10.79 21.73
N LEU A 933 5.64 9.80 22.16
CA LEU A 933 5.95 8.97 23.32
C LEU A 933 5.88 7.51 22.94
N LYS A 934 6.91 6.76 23.29
CA LYS A 934 6.89 5.30 23.19
C LYS A 934 7.51 4.74 24.46
N THR A 935 7.04 3.56 24.88
CA THR A 935 7.52 2.97 26.11
C THR A 935 7.78 1.49 25.91
N LYS A 936 8.62 0.95 26.80
CA LYS A 936 8.93 -0.48 26.80
C LYS A 936 9.51 -0.79 28.17
N GLY A 937 8.85 -1.68 28.91
CA GLY A 937 9.31 -1.96 30.26
C GLY A 937 9.22 -0.70 31.10
N ASP A 938 10.36 -0.26 31.64
CA ASP A 938 10.42 0.91 32.52
C ASP A 938 10.98 2.14 31.85
N PHE A 939 11.44 2.03 30.61
N PHE A 939 11.44 2.06 30.60
CA PHE A 939 12.01 3.13 29.85
CA PHE A 939 12.04 3.22 29.96
C PHE A 939 10.92 3.86 29.06
C PHE A 939 11.09 3.80 28.90
N ILE A 940 11.22 5.10 28.68
CA ILE A 940 10.36 5.87 27.80
C ILE A 940 11.23 6.58 26.78
N LEU A 941 10.84 6.50 25.51
CA LEU A 941 11.47 7.27 24.45
C LEU A 941 10.60 8.48 24.15
N VAL A 942 11.20 9.66 24.18
CA VAL A 942 10.51 10.93 24.07
C VAL A 942 10.96 11.61 22.78
N GLY A 943 10.00 12.03 21.96
CA GLY A 943 10.31 12.77 20.75
C GLY A 943 9.97 14.24 20.86
N ASP A 944 10.97 15.10 20.72
CA ASP A 944 10.77 16.53 20.86
C ASP A 944 10.49 17.18 19.51
N LEU A 945 9.90 18.38 19.57
CA LEU A 945 9.61 19.14 18.35
C LEU A 945 10.89 19.47 17.59
N MET A 946 11.97 19.80 18.31
CA MET A 946 13.21 20.19 17.67
C MET A 946 14.47 19.66 18.34
N ARG A 947 14.37 19.05 19.52
CA ARG A 947 15.54 18.61 20.29
C ARG A 947 15.76 17.10 20.18
N SER A 948 15.44 16.51 19.04
CA SER A 948 15.74 15.10 18.74
C SER A 948 15.02 14.21 19.76
N VAL A 949 15.63 13.12 20.21
CA VAL A 949 14.98 12.15 21.07
C VAL A 949 15.62 12.19 22.45
N LEU A 950 14.89 11.66 23.42
CA LEU A 950 15.32 11.67 24.82
C LEU A 950 14.88 10.36 25.46
N LEU A 951 15.69 9.87 26.40
CA LEU A 951 15.45 8.60 27.06
C LEU A 951 15.22 8.84 28.54
N LEU A 952 14.04 8.47 29.02
CA LEU A 952 13.69 8.54 30.44
C LEU A 952 13.52 7.13 31.00
N ALA A 953 13.79 6.98 32.29
CA ALA A 953 13.63 5.70 32.98
C ALA A 953 12.90 5.91 34.29
N TYR A 954 11.89 5.07 34.54
CA TYR A 954 11.12 5.16 35.77
C TYR A 954 11.82 4.40 36.88
N LYS A 955 12.06 5.08 38.00
CA LYS A 955 12.64 4.45 39.18
C LYS A 955 11.50 3.96 40.06
N PRO A 956 11.28 2.65 40.20
CA PRO A 956 10.09 2.16 40.91
C PRO A 956 10.07 2.45 42.40
N MET A 957 11.19 2.20 43.09
CA MET A 957 11.22 2.42 44.54
C MET A 957 11.10 3.90 44.87
N GLU A 958 11.73 4.76 44.06
CA GLU A 958 11.69 6.20 44.34
C GLU A 958 10.47 6.88 43.72
N GLY A 959 9.93 6.31 42.65
CA GLY A 959 8.62 6.73 42.16
C GLY A 959 8.61 7.95 41.26
N ASN A 960 9.70 8.23 40.56
CA ASN A 960 9.72 9.33 39.61
C ASN A 960 10.61 8.95 38.43
N PHE A 961 10.81 9.91 37.53
CA PHE A 961 11.58 9.69 36.32
C PHE A 961 12.99 10.25 36.46
N GLU A 962 13.82 9.89 35.49
CA GLU A 962 15.21 10.34 35.47
C GLU A 962 15.68 10.29 34.02
N GLU A 963 16.33 11.36 33.57
CA GLU A 963 16.82 11.45 32.20
C GLU A 963 18.09 10.61 32.08
N ILE A 964 18.01 9.51 31.34
CA ILE A 964 19.17 8.63 31.16
C ILE A 964 20.16 9.25 30.18
N ALA A 965 19.69 9.58 28.99
CA ALA A 965 20.55 10.14 27.95
C ALA A 965 19.69 10.94 26.99
N ARG A 966 20.34 11.77 26.19
CA ARG A 966 19.64 12.66 25.27
C ARG A 966 20.47 12.82 24.00
N ASP A 967 19.81 12.75 22.85
CA ASP A 967 20.45 13.08 21.59
C ASP A 967 20.60 14.58 21.49
N PHE A 968 21.83 15.06 21.32
CA PHE A 968 22.11 16.49 21.44
C PHE A 968 22.11 17.24 20.12
N ASN A 969 22.34 16.58 18.99
CA ASN A 969 22.20 17.26 17.72
C ASN A 969 20.72 17.49 17.40
N PRO A 970 20.37 18.63 16.80
CA PRO A 970 18.95 18.95 16.61
C PRO A 970 18.33 18.12 15.50
N ASN A 971 17.09 17.69 15.73
CA ASN A 971 16.31 16.96 14.74
C ASN A 971 14.84 17.29 14.95
N TRP A 972 14.19 17.79 13.90
CA TRP A 972 12.76 18.10 13.94
C TRP A 972 12.00 16.80 13.77
N MET A 973 11.65 16.19 14.90
CA MET A 973 11.08 14.84 14.89
C MET A 973 9.70 14.81 14.24
N SER A 974 9.35 13.64 13.69
CA SER A 974 8.03 13.39 13.16
C SER A 974 7.47 12.09 13.72
N ALA A 975 8.35 11.14 14.06
CA ALA A 975 7.92 9.88 14.64
C ALA A 975 9.09 9.26 15.38
N VAL A 976 8.76 8.30 16.25
CA VAL A 976 9.73 7.71 17.17
C VAL A 976 9.31 6.26 17.42
N GLU A 977 10.30 5.40 17.65
CA GLU A 977 10.01 4.01 17.96
C GLU A 977 11.17 3.41 18.74
N ILE A 978 10.84 2.47 19.61
CA ILE A 978 11.84 1.71 20.36
C ILE A 978 12.03 0.37 19.64
N LEU A 979 13.21 0.17 19.06
CA LEU A 979 13.50 -1.09 18.38
C LEU A 979 13.76 -2.20 19.37
N ASP A 980 14.55 -1.92 20.40
CA ASP A 980 14.83 -2.87 21.47
C ASP A 980 15.29 -2.08 22.69
N ASP A 981 15.79 -2.78 23.70
CA ASP A 981 16.18 -2.14 24.95
C ASP A 981 17.29 -1.10 24.76
N ASP A 982 18.08 -1.21 23.69
CA ASP A 982 19.22 -0.33 23.49
C ASP A 982 19.23 0.40 22.15
N ASN A 983 18.21 0.21 21.31
CA ASN A 983 18.17 0.83 19.98
C ASN A 983 16.89 1.64 19.84
N PHE A 984 17.03 2.91 19.47
CA PHE A 984 15.91 3.82 19.38
C PHE A 984 15.87 4.45 18.00
N LEU A 985 14.75 4.28 17.30
CA LEU A 985 14.58 4.70 15.91
C LEU A 985 13.81 6.01 15.84
N GLY A 986 14.27 6.93 15.00
CA GLY A 986 13.60 8.19 14.82
C GLY A 986 13.47 8.54 13.35
N ALA A 987 12.49 9.41 13.08
CA ALA A 987 12.30 10.00 11.77
C ALA A 987 12.07 11.49 11.94
N GLU A 988 12.62 12.29 11.03
CA GLU A 988 12.53 13.73 11.12
C GLU A 988 11.98 14.32 9.83
N ASN A 989 11.81 15.64 9.83
N ASN A 989 11.81 15.64 9.83
CA ASN A 989 11.03 16.32 8.80
CA ASN A 989 11.02 16.31 8.79
C ASN A 989 11.75 16.45 7.46
C ASN A 989 11.73 16.35 7.45
N ALA A 990 13.05 16.16 7.41
CA ALA A 990 13.79 16.18 6.16
C ALA A 990 13.88 14.81 5.49
N PHE A 991 12.93 13.93 5.79
CA PHE A 991 12.79 12.62 5.13
C PHE A 991 13.97 11.70 5.44
N ASN A 992 14.53 11.81 6.63
CA ASN A 992 15.62 10.95 7.07
C ASN A 992 15.21 10.09 8.25
N LEU A 993 15.80 8.90 8.31
CA LEU A 993 15.71 8.01 9.46
C LEU A 993 17.04 8.02 10.21
N PHE A 994 16.99 7.72 11.50
CA PHE A 994 18.22 7.55 12.26
C PHE A 994 17.95 6.64 13.46
N VAL A 995 19.02 6.01 13.93
CA VAL A 995 18.96 5.10 15.07
C VAL A 995 19.92 5.60 16.14
N CYS A 996 19.43 5.74 17.36
CA CYS A 996 20.22 6.22 18.49
C CYS A 996 20.56 5.08 19.43
N GLN A 997 21.71 5.20 20.09
CA GLN A 997 22.22 4.18 20.99
C GLN A 997 22.89 4.84 22.19
N LYS A 998 22.86 4.14 23.33
CA LYS A 998 23.56 4.63 24.50
C LYS A 998 25.06 4.51 24.33
N ASP A 999 25.80 5.26 25.14
CA ASP A 999 27.25 5.24 25.10
C ASP A 999 27.82 4.18 26.04
N GLN A 1009 24.64 11.23 30.27
CA GLN A 1009 25.11 10.47 29.11
C GLN A 1009 24.51 11.05 27.83
N HIS A 1010 25.21 10.83 26.72
CA HIS A 1010 24.77 11.30 25.42
C HIS A 1010 24.34 10.13 24.55
N LEU A 1011 23.21 10.30 23.86
CA LEU A 1011 22.79 9.31 22.87
C LEU A 1011 23.59 9.52 21.60
N GLN A 1012 24.15 8.45 21.06
CA GLN A 1012 24.96 8.51 19.85
C GLN A 1012 24.16 8.01 18.66
N GLU A 1013 24.19 8.77 17.57
CA GLU A 1013 23.51 8.38 16.33
C GLU A 1013 24.39 7.39 15.60
N VAL A 1014 24.06 6.10 15.73
CA VAL A 1014 24.84 5.04 15.09
C VAL A 1014 24.25 4.60 13.76
N GLY A 1015 23.10 5.15 13.37
CA GLY A 1015 22.51 4.84 12.08
C GLY A 1015 21.91 6.05 11.41
N LEU A 1016 22.15 6.20 10.11
CA LEU A 1016 21.62 7.31 9.32
C LEU A 1016 21.18 6.77 7.97
N PHE A 1017 20.05 7.28 7.46
CA PHE A 1017 19.51 6.78 6.20
C PHE A 1017 18.50 7.79 5.66
N HIS A 1018 18.70 8.25 4.43
CA HIS A 1018 17.72 9.11 3.77
C HIS A 1018 16.63 8.22 3.18
N LEU A 1019 15.45 8.23 3.80
CA LEU A 1019 14.34 7.42 3.33
C LEU A 1019 13.64 8.04 2.13
N GLY A 1020 13.53 9.37 2.09
CA GLY A 1020 12.79 10.04 1.03
C GLY A 1020 11.31 10.18 1.27
N GLU A 1021 10.82 9.82 2.46
CA GLU A 1021 9.41 9.93 2.81
C GLU A 1021 9.28 10.56 4.19
N PHE A 1022 8.09 11.07 4.47
CA PHE A 1022 7.77 11.70 5.74
C PHE A 1022 7.01 10.67 6.58
N VAL A 1023 7.65 10.18 7.65
CA VAL A 1023 7.06 9.15 8.49
C VAL A 1023 6.13 9.82 9.50
N ASN A 1024 4.89 9.36 9.55
CA ASN A 1024 3.90 9.87 10.51
C ASN A 1024 3.69 8.94 11.69
N VAL A 1025 3.93 7.64 11.53
CA VAL A 1025 3.67 6.70 12.62
C VAL A 1025 4.55 5.46 12.48
N PHE A 1026 5.17 5.06 13.59
CA PHE A 1026 5.81 3.77 13.72
C PHE A 1026 4.92 2.84 14.54
N CYS A 1027 4.90 1.57 14.17
N CYS A 1027 4.93 1.56 14.19
CA CYS A 1027 4.12 0.59 14.92
CA CYS A 1027 4.09 0.57 14.87
C CYS A 1027 4.74 -0.79 14.75
C CYS A 1027 4.73 -0.80 14.74
N HIS A 1028 4.74 -1.56 15.84
CA HIS A 1028 5.27 -2.92 15.81
C HIS A 1028 4.25 -3.86 15.20
N GLY A 1029 4.74 -4.83 14.45
CA GLY A 1029 3.87 -5.82 13.86
C GLY A 1029 4.39 -6.27 12.51
N SER A 1030 3.66 -7.23 11.94
CA SER A 1030 4.04 -7.81 10.65
C SER A 1030 2.77 -8.23 9.92
N LEU A 1031 2.84 -8.21 8.59
CA LEU A 1031 1.72 -8.59 7.75
C LEU A 1031 1.89 -9.97 7.13
N VAL A 1032 2.90 -10.73 7.55
CA VAL A 1032 3.11 -12.09 7.05
C VAL A 1032 2.85 -13.08 8.19
N MET A 1033 2.66 -14.34 7.80
CA MET A 1033 2.38 -15.39 8.77
C MET A 1033 3.57 -15.61 9.71
N GLN A 1034 3.26 -15.93 10.96
CA GLN A 1034 4.29 -16.17 11.97
C GLN A 1034 4.30 -17.63 12.40
N THR A 1041 14.46 -17.33 10.96
CA THR A 1041 14.48 -16.07 10.23
C THR A 1041 15.84 -15.37 10.37
N PRO A 1042 16.30 -14.77 9.28
CA PRO A 1042 17.60 -14.07 9.34
C PRO A 1042 17.53 -12.72 10.04
N THR A 1043 16.35 -12.13 10.17
CA THR A 1043 16.18 -10.82 10.79
C THR A 1043 15.50 -10.95 12.14
N GLN A 1044 15.47 -9.84 12.88
CA GLN A 1044 14.87 -9.80 14.20
C GLN A 1044 14.02 -8.55 14.33
N GLY A 1045 12.82 -8.70 14.87
CA GLY A 1045 11.90 -7.58 15.02
C GLY A 1045 11.24 -7.21 13.70
N SER A 1046 10.20 -6.38 13.83
CA SER A 1046 9.45 -5.94 12.66
C SER A 1046 8.70 -4.67 13.05
N VAL A 1047 9.08 -3.55 12.43
CA VAL A 1047 8.46 -2.25 12.68
C VAL A 1047 7.93 -1.73 11.36
N LEU A 1048 6.62 -1.49 11.28
CA LEU A 1048 6.00 -0.89 10.12
C LEU A 1048 5.88 0.61 10.32
N PHE A 1049 5.90 1.35 9.20
CA PHE A 1049 5.68 2.79 9.26
C PHE A 1049 4.86 3.26 8.08
N GLY A 1050 3.96 4.22 8.35
CA GLY A 1050 3.14 4.85 7.33
C GLY A 1050 3.62 6.26 7.08
N THR A 1051 3.47 6.72 5.84
CA THR A 1051 4.03 8.00 5.41
C THR A 1051 2.96 8.90 4.84
N VAL A 1052 3.37 10.15 4.58
CA VAL A 1052 2.48 11.13 3.98
C VAL A 1052 2.08 10.72 2.56
N ASN A 1053 3.01 10.13 1.81
CA ASN A 1053 2.74 9.76 0.43
C ASN A 1053 2.00 8.43 0.29
N GLY A 1054 1.54 7.84 1.40
CA GLY A 1054 0.87 6.56 1.34
C GLY A 1054 1.79 5.36 1.30
N MET A 1055 3.10 5.57 1.26
CA MET A 1055 4.04 4.46 1.27
C MET A 1055 4.07 3.79 2.64
N ILE A 1056 4.15 2.46 2.65
CA ILE A 1056 4.28 1.68 3.87
C ILE A 1056 5.62 0.97 3.84
N GLY A 1057 6.43 1.17 4.88
CA GLY A 1057 7.74 0.56 4.96
C GLY A 1057 7.85 -0.39 6.14
N LEU A 1058 9.02 -1.04 6.20
CA LEU A 1058 9.31 -1.99 7.26
C LEU A 1058 10.78 -1.83 7.65
N VAL A 1059 11.04 -1.91 8.96
CA VAL A 1059 12.39 -1.86 9.49
C VAL A 1059 12.60 -3.10 10.35
N THR A 1060 13.75 -3.74 10.20
CA THR A 1060 14.11 -4.92 10.95
C THR A 1060 15.61 -4.90 11.22
N SER A 1061 16.05 -5.74 12.14
CA SER A 1061 17.44 -5.74 12.59
C SER A 1061 18.20 -6.94 12.03
N LEU A 1062 19.47 -6.71 11.69
CA LEU A 1062 20.34 -7.74 11.16
C LEU A 1062 21.50 -7.98 12.12
N SER A 1063 22.14 -9.14 11.94
CA SER A 1063 23.38 -9.42 12.63
C SER A 1063 24.54 -8.71 11.92
N GLU A 1064 25.71 -8.73 12.56
CA GLU A 1064 26.88 -8.09 11.97
C GLU A 1064 27.29 -8.77 10.67
N SER A 1065 27.36 -10.10 10.68
CA SER A 1065 27.78 -10.83 9.47
C SER A 1065 26.80 -10.61 8.33
N TRP A 1066 25.50 -10.62 8.62
CA TRP A 1066 24.52 -10.38 7.56
C TRP A 1066 24.58 -8.95 7.06
N TYR A 1067 24.82 -7.98 7.95
CA TYR A 1067 24.92 -6.59 7.51
C TYR A 1067 26.13 -6.38 6.60
N ASN A 1068 27.26 -7.01 6.94
CA ASN A 1068 28.47 -6.85 6.13
C ASN A 1068 28.32 -7.50 4.76
N LEU A 1069 27.60 -8.62 4.68
CA LEU A 1069 27.38 -9.26 3.39
C LEU A 1069 26.45 -8.41 2.52
N LEU A 1070 25.37 -7.89 3.10
CA LEU A 1070 24.43 -7.09 2.33
C LEU A 1070 25.01 -5.74 1.93
N LEU A 1071 25.84 -5.15 2.78
CA LEU A 1071 26.51 -3.91 2.41
C LEU A 1071 27.45 -4.13 1.23
N ASP A 1072 28.16 -5.26 1.22
CA ASP A 1072 29.01 -5.61 0.09
C ASP A 1072 28.17 -5.83 -1.17
N MET A 1073 27.00 -6.46 -1.02
CA MET A 1073 26.12 -6.64 -2.18
C MET A 1073 25.58 -5.32 -2.71
N GLN A 1074 25.36 -4.34 -1.82
CA GLN A 1074 24.89 -3.04 -2.28
C GLN A 1074 25.88 -2.40 -3.25
N ASN A 1075 27.17 -2.41 -2.89
CA ASN A 1075 28.18 -1.79 -3.75
C ASN A 1075 28.36 -2.58 -5.04
N ARG A 1076 28.20 -3.91 -4.99
CA ARG A 1076 28.27 -4.71 -6.21
C ARG A 1076 27.05 -4.45 -7.09
N LEU A 1077 25.87 -4.34 -6.49
CA LEU A 1077 24.67 -4.06 -7.28
C LEU A 1077 24.74 -2.68 -7.91
N ASN A 1078 25.22 -1.69 -7.16
CA ASN A 1078 25.27 -0.32 -7.68
C ASN A 1078 26.20 -0.19 -8.88
N LYS A 1079 27.18 -1.09 -9.04
CA LYS A 1079 28.04 -1.04 -10.21
C LYS A 1079 27.38 -1.62 -11.46
N VAL A 1080 26.30 -2.38 -11.30
CA VAL A 1080 25.67 -3.08 -12.40
C VAL A 1080 24.33 -2.44 -12.78
N ILE A 1081 23.53 -2.07 -11.79
CA ILE A 1081 22.21 -1.51 -12.07
C ILE A 1081 22.35 -0.15 -12.73
N LYS A 1082 21.66 0.04 -13.84
CA LYS A 1082 21.60 1.33 -14.50
C LYS A 1082 20.58 2.21 -13.80
N SER A 1083 20.97 3.45 -13.50
CA SER A 1083 20.15 4.37 -12.73
C SER A 1083 19.49 5.37 -13.66
N VAL A 1084 18.17 5.56 -13.51
CA VAL A 1084 17.46 6.54 -14.32
C VAL A 1084 17.93 7.94 -13.94
N GLY A 1085 18.53 8.64 -14.89
CA GLY A 1085 19.15 9.92 -14.62
C GLY A 1085 20.59 9.84 -14.17
N LYS A 1086 21.17 8.64 -14.14
CA LYS A 1086 22.56 8.44 -13.73
C LYS A 1086 22.84 9.03 -12.34
N ILE A 1087 21.89 8.84 -11.42
CA ILE A 1087 22.04 9.29 -10.04
C ILE A 1087 22.70 8.18 -9.25
N GLU A 1088 23.75 8.53 -8.50
CA GLU A 1088 24.42 7.56 -7.65
C GLU A 1088 23.50 7.15 -6.50
N HIS A 1089 23.36 5.84 -6.28
CA HIS A 1089 22.52 5.34 -5.21
C HIS A 1089 23.02 5.83 -3.84
N SER A 1090 24.33 5.85 -3.65
CA SER A 1090 24.90 6.27 -2.38
C SER A 1090 24.63 7.74 -2.10
N PHE A 1091 24.66 8.59 -3.14
CA PHE A 1091 24.25 9.98 -2.97
C PHE A 1091 22.78 10.08 -2.58
N TRP A 1092 21.94 9.20 -3.14
CA TRP A 1092 20.51 9.25 -2.88
C TRP A 1092 20.19 8.88 -1.44
N ARG A 1093 20.84 7.85 -0.90
CA ARG A 1093 20.55 7.38 0.45
C ARG A 1093 21.33 8.13 1.52
N SER A 1094 22.11 9.14 1.14
CA SER A 1094 22.90 9.88 2.12
C SER A 1094 22.00 10.75 2.98
N PHE A 1095 22.20 10.67 4.30
CA PHE A 1095 21.53 11.57 5.24
C PHE A 1095 21.74 13.01 4.80
N HIS A 1096 20.64 13.75 4.68
CA HIS A 1096 20.71 15.11 4.13
C HIS A 1096 19.73 16.01 4.88
N THR A 1097 20.26 17.10 5.46
CA THR A 1097 19.47 18.17 6.04
C THR A 1097 20.03 19.50 5.53
N GLU A 1098 19.46 20.60 6.04
CA GLU A 1098 19.96 21.91 5.69
C GLU A 1098 21.28 22.25 6.38
N ARG A 1099 21.68 21.47 7.39
CA ARG A 1099 22.88 21.75 8.16
C ARG A 1099 23.87 20.59 8.19
N LYS A 1100 23.63 19.52 7.44
CA LYS A 1100 24.34 18.27 7.67
C LYS A 1100 24.10 17.33 6.50
N THR A 1101 25.17 16.67 6.05
CA THR A 1101 25.05 15.71 4.94
C THR A 1101 26.23 14.74 5.01
N GLU A 1102 25.93 13.46 5.18
CA GLU A 1102 26.96 12.42 5.18
C GLU A 1102 26.34 11.13 4.69
N PRO A 1103 27.15 10.15 4.27
CA PRO A 1103 26.59 8.90 3.74
C PRO A 1103 25.82 8.12 4.79
N ALA A 1104 25.04 7.16 4.32
CA ALA A 1104 24.25 6.31 5.20
C ALA A 1104 25.12 5.27 5.88
N THR A 1105 24.80 4.98 7.14
CA THR A 1105 25.51 3.95 7.91
C THR A 1105 24.50 3.18 8.73
N GLY A 1106 24.79 1.90 8.94
CA GLY A 1106 23.91 1.05 9.72
C GLY A 1106 22.56 0.73 9.11
N PHE A 1107 22.35 1.06 7.84
CA PHE A 1107 21.09 0.80 7.17
C PHE A 1107 21.34 0.10 5.84
N ILE A 1108 20.57 -0.95 5.57
CA ILE A 1108 20.60 -1.65 4.29
C ILE A 1108 19.34 -1.28 3.52
N ASP A 1109 19.51 -0.87 2.25
CA ASP A 1109 18.40 -0.57 1.37
C ASP A 1109 17.83 -1.89 0.84
N GLY A 1110 16.78 -2.37 1.51
CA GLY A 1110 16.17 -3.63 1.10
C GLY A 1110 15.59 -3.59 -0.30
N ASP A 1111 15.15 -2.41 -0.75
CA ASP A 1111 14.62 -2.30 -2.11
C ASP A 1111 15.71 -2.58 -3.13
N LEU A 1112 16.92 -2.06 -2.89
CA LEU A 1112 18.04 -2.35 -3.76
C LEU A 1112 18.43 -3.82 -3.69
N ILE A 1113 18.48 -4.38 -2.48
CA ILE A 1113 18.85 -5.79 -2.32
C ILE A 1113 17.86 -6.69 -3.05
N GLU A 1114 16.57 -6.39 -2.95
CA GLU A 1114 15.55 -7.22 -3.60
C GLU A 1114 15.67 -7.18 -5.12
N SER A 1115 16.18 -6.08 -5.67
N SER A 1115 16.17 -6.08 -5.67
CA SER A 1115 16.37 -5.98 -7.11
CA SER A 1115 16.35 -6.00 -7.12
C SER A 1115 17.37 -6.99 -7.65
C SER A 1115 17.39 -6.98 -7.65
N PHE A 1116 18.09 -7.69 -6.78
CA PHE A 1116 19.03 -8.71 -7.23
C PHE A 1116 18.32 -9.85 -7.95
N LEU A 1117 17.06 -10.14 -7.57
CA LEU A 1117 16.31 -11.19 -8.25
C LEU A 1117 15.71 -10.74 -9.56
N ASP A 1118 15.79 -9.45 -9.89
CA ASP A 1118 15.22 -8.90 -11.10
C ASP A 1118 16.22 -8.78 -12.24
N ILE A 1119 17.49 -9.08 -12.00
CA ILE A 1119 18.49 -9.03 -13.05
C ILE A 1119 18.65 -10.42 -13.65
N SER A 1120 19.21 -10.46 -14.85
CA SER A 1120 19.40 -11.74 -15.54
C SER A 1120 20.41 -12.60 -14.81
N ARG A 1121 20.29 -13.92 -15.01
CA ARG A 1121 21.23 -14.85 -14.39
C ARG A 1121 22.67 -14.64 -14.82
N PRO A 1122 22.99 -14.37 -16.10
CA PRO A 1122 24.38 -14.02 -16.43
C PRO A 1122 24.85 -12.76 -15.71
N LYS A 1123 24.02 -11.72 -15.69
CA LYS A 1123 24.37 -10.52 -14.93
C LYS A 1123 24.40 -10.76 -13.44
N MET A 1124 23.78 -11.84 -12.97
CA MET A 1124 23.81 -12.18 -11.55
C MET A 1124 25.21 -12.62 -11.12
N GLN A 1125 25.89 -13.42 -11.95
CA GLN A 1125 27.19 -13.93 -11.57
C GLN A 1125 28.24 -12.83 -11.49
N GLU A 1126 28.11 -11.79 -12.30
CA GLU A 1126 29.03 -10.66 -12.22
C GLU A 1126 28.94 -9.97 -10.86
N VAL A 1127 27.74 -9.91 -10.28
CA VAL A 1127 27.58 -9.26 -8.98
C VAL A 1127 28.29 -10.05 -7.89
N VAL A 1128 28.16 -11.38 -7.91
CA VAL A 1128 28.70 -12.21 -6.84
C VAL A 1128 30.10 -12.72 -7.20
N ALA A 1129 30.74 -12.06 -8.18
CA ALA A 1129 32.06 -12.49 -8.61
C ALA A 1129 33.09 -12.27 -7.51
N ASN A 1130 33.77 -13.34 -7.11
CA ASN A 1130 34.82 -13.28 -6.09
C ASN A 1130 34.27 -12.76 -4.75
N LEU A 1131 33.14 -13.33 -4.34
CA LEU A 1131 32.52 -12.99 -3.07
C LEU A 1131 32.76 -14.10 -2.06
N GLN A 1132 33.09 -13.72 -0.83
CA GLN A 1132 33.38 -14.67 0.23
C GLN A 1132 32.35 -14.61 1.35
N GLU A 1142 33.73 -18.20 -1.27
CA GLU A 1142 33.00 -19.34 -1.83
C GLU A 1142 31.51 -19.05 -1.93
N ALA A 1143 31.17 -17.93 -2.56
CA ALA A 1143 29.78 -17.52 -2.73
C ALA A 1143 29.37 -17.66 -4.19
N THR A 1144 28.23 -18.27 -4.42
CA THR A 1144 27.67 -18.44 -5.76
C THR A 1144 26.38 -17.63 -5.90
N ALA A 1145 25.92 -17.49 -7.13
CA ALA A 1145 24.69 -16.75 -7.38
C ALA A 1145 23.50 -17.43 -6.72
N ASP A 1146 23.48 -18.77 -6.73
CA ASP A 1146 22.41 -19.51 -6.07
C ASP A 1146 22.45 -19.37 -4.56
N ASP A 1147 23.63 -19.08 -3.99
CA ASP A 1147 23.73 -18.90 -2.54
C ASP A 1147 23.02 -17.62 -2.11
N LEU A 1148 23.19 -16.54 -2.85
CA LEU A 1148 22.55 -15.28 -2.48
C LEU A 1148 21.16 -15.12 -3.07
N ILE A 1149 20.78 -15.97 -4.02
CA ILE A 1149 19.38 -16.05 -4.41
C ILE A 1149 18.55 -16.54 -3.23
N LYS A 1150 19.03 -17.56 -2.53
CA LYS A 1150 18.34 -18.04 -1.34
C LYS A 1150 18.39 -17.01 -0.22
N VAL A 1151 19.45 -16.22 -0.15
CA VAL A 1151 19.54 -15.19 0.88
C VAL A 1151 18.54 -14.09 0.62
N VAL A 1152 18.48 -13.59 -0.61
CA VAL A 1152 17.59 -12.48 -0.92
C VAL A 1152 16.14 -12.94 -0.92
N GLU A 1153 15.87 -14.15 -1.43
CA GLU A 1153 14.51 -14.68 -1.40
C GLU A 1153 14.01 -14.81 0.03
N GLU A 1154 14.88 -15.22 0.96
CA GLU A 1154 14.49 -15.29 2.36
C GLU A 1154 14.19 -13.91 2.93
N LEU A 1155 14.92 -12.89 2.48
CA LEU A 1155 14.66 -11.54 2.96
C LEU A 1155 13.33 -11.00 2.46
N THR A 1156 12.86 -11.46 1.29
CA THR A 1156 11.58 -10.99 0.78
C THR A 1156 10.40 -11.51 1.60
N ARG A 1157 10.59 -12.58 2.38
CA ARG A 1157 9.50 -13.17 3.12
C ARG A 1157 9.09 -12.37 4.36
N ILE A 1158 9.83 -11.32 4.72
CA ILE A 1158 9.45 -10.49 5.87
C ILE A 1158 8.34 -9.51 5.55
N HIS A 1159 7.94 -9.38 4.29
CA HIS A 1159 6.87 -8.46 3.93
C HIS A 1159 6.00 -9.04 2.80
C ACT B . -2.87 5.90 -10.66
O ACT B . -3.22 5.86 -11.88
OXT ACT B . -2.35 4.99 -9.97
CH3 ACT B . -3.14 7.24 -9.90
#